data_3OXN
#
_entry.id   3OXN
#
_cell.length_a   50.316
_cell.length_b   50.488
_cell.length_c   108.116
_cell.angle_alpha   86.19
_cell.angle_beta   82.89
_cell.angle_gamma   86.74
#
_symmetry.space_group_name_H-M   'P 1'
#
loop_
_entity.id
_entity.type
_entity.pdbx_description
1 polymer 'Putative transcriptional regulator, LysR family'
2 non-polymer 'SULFATE ION'
3 water water
#
_entity_poly.entity_id   1
_entity_poly.type   'polypeptide(L)'
_entity_poly.pdbx_seq_one_letter_code
;(MSE)SLRQLLSPVEFDPQQCDQTFTIATTDYA(MSE)QTILPFALPRIYQEAPNVSFNFLPLQHDRLSDQLTYEGADLA
ICRPTGPVEPLRSEILGRVGVLCLLSKQHPLANQE(MSE)SLDDYLSHPHA(MSE)IAISDGVKALIEQALIDKPQRK
(MSE)VLRAYHLEAALAIVDTLPIIITVPADLAYLVAERYDLVVKPLPFQFTPFDYS(MSE)IWHARCEHSPAQEWLRSV
VREECSRLIAKRIED(MSE)GLNEGHHHHHH
;
_entity_poly.pdbx_strand_id   A,B,C,D
#
# COMPACT_ATOMS: atom_id res chain seq x y z
N PRO A 14 45.50 15.25 -6.31
CA PRO A 14 46.43 16.18 -6.94
C PRO A 14 45.63 17.19 -7.73
N GLN A 15 46.29 17.97 -8.59
CA GLN A 15 45.59 19.02 -9.34
C GLN A 15 45.84 19.00 -10.86
N GLN A 16 46.51 17.95 -11.35
CA GLN A 16 46.52 17.71 -12.80
C GLN A 16 45.09 17.39 -13.14
N CYS A 17 44.43 16.72 -12.20
CA CYS A 17 43.12 16.15 -12.41
C CYS A 17 42.14 17.11 -13.06
N ASP A 18 41.64 16.74 -14.24
CA ASP A 18 40.61 17.51 -14.92
C ASP A 18 39.45 16.58 -15.24
N GLN A 19 39.53 15.40 -14.66
CA GLN A 19 38.55 14.35 -14.84
C GLN A 19 37.24 14.75 -14.18
N THR A 20 36.14 14.29 -14.74
CA THR A 20 34.85 14.58 -14.10
C THR A 20 34.32 13.41 -13.24
N PHE A 21 33.67 13.75 -12.14
CA PHE A 21 33.19 12.74 -11.24
C PHE A 21 31.69 12.79 -11.24
N THR A 22 31.07 11.62 -11.34
CA THR A 22 29.64 11.47 -11.21
C THR A 22 29.34 11.06 -9.77
N ILE A 23 28.57 11.88 -9.09
CA ILE A 23 28.09 11.53 -7.76
C ILE A 23 26.60 11.41 -7.78
N ALA A 24 26.08 10.22 -7.53
CA ALA A 24 24.63 10.04 -7.38
C ALA A 24 24.27 10.38 -5.94
N THR A 25 23.41 11.37 -5.75
CA THR A 25 23.13 11.77 -4.37
C THR A 25 21.68 12.11 -4.00
N THR A 26 21.37 12.04 -2.72
CA THR A 26 20.05 12.41 -2.24
C THR A 26 19.89 13.92 -2.23
N ASP A 27 18.79 14.40 -1.67
CA ASP A 27 18.55 15.84 -1.62
C ASP A 27 19.23 16.43 -0.43
N TYR A 28 18.98 15.84 0.73
CA TYR A 28 19.68 16.25 1.94
C TYR A 28 21.15 16.40 1.57
N ALA A 29 21.76 15.32 1.10
CA ALA A 29 23.18 15.29 0.80
C ALA A 29 23.58 16.46 -0.07
N GLN A 31 22.20 19.44 -0.31
CA GLN A 31 21.94 20.77 0.25
C GLN A 31 22.80 21.05 1.49
N THR A 32 23.29 20.00 2.14
CA THR A 32 23.90 20.18 3.44
C THR A 32 25.33 19.66 3.45
N ILE A 33 25.59 18.63 2.66
CA ILE A 33 26.92 18.02 2.69
C ILE A 33 27.82 18.60 1.63
N LEU A 34 27.52 18.27 0.39
CA LEU A 34 28.38 18.63 -0.72
C LEU A 34 28.59 20.14 -0.87
N PRO A 35 27.52 20.94 -0.81
CA PRO A 35 27.79 22.38 -0.84
C PRO A 35 28.92 22.71 0.14
N PHE A 36 28.83 22.16 1.34
CA PHE A 36 29.85 22.30 2.34
C PHE A 36 31.22 21.80 1.82
N ALA A 37 31.22 20.60 1.24
CA ALA A 37 32.47 19.95 0.84
C ALA A 37 33.02 20.42 -0.50
N LEU A 38 32.27 21.25 -1.22
CA LEU A 38 32.68 21.63 -2.58
C LEU A 38 33.79 22.69 -2.67
N PRO A 39 33.81 23.66 -1.75
CA PRO A 39 34.84 24.70 -1.90
C PRO A 39 36.26 24.16 -1.74
N ARG A 40 36.49 23.30 -0.76
CA ARG A 40 37.79 22.65 -0.62
C ARG A 40 38.12 21.73 -1.77
N ILE A 41 37.10 21.16 -2.43
CA ILE A 41 37.34 20.28 -3.59
C ILE A 41 37.97 21.03 -4.74
N TYR A 42 37.32 22.12 -5.14
CA TYR A 42 37.73 22.90 -6.31
C TYR A 42 38.97 23.72 -6.03
N GLN A 43 39.11 24.10 -4.77
CA GLN A 43 40.32 24.77 -4.32
C GLN A 43 41.47 23.79 -4.49
N GLU A 44 41.21 22.54 -4.12
CA GLU A 44 42.23 21.50 -4.08
C GLU A 44 42.50 20.87 -5.46
N ALA A 45 41.58 21.08 -6.40
CA ALA A 45 41.68 20.47 -7.74
C ALA A 45 40.97 21.30 -8.80
N PRO A 46 41.48 22.52 -9.06
CA PRO A 46 40.87 23.55 -9.93
C PRO A 46 40.29 23.04 -11.26
N ASN A 47 40.95 22.07 -11.90
CA ASN A 47 40.50 21.57 -13.20
C ASN A 47 39.32 20.62 -13.12
N VAL A 48 39.09 20.12 -11.91
CA VAL A 48 38.13 19.04 -11.68
C VAL A 48 36.73 19.47 -12.10
N SER A 49 35.89 18.49 -12.47
CA SER A 49 34.54 18.74 -12.96
C SER A 49 33.51 17.80 -12.29
N PHE A 50 32.35 18.33 -11.91
CA PHE A 50 31.36 17.53 -11.18
C PHE A 50 30.02 17.29 -11.85
N ASN A 51 29.51 16.07 -11.68
CA ASN A 51 28.20 15.73 -12.17
C ASN A 51 27.30 15.08 -11.12
N PHE A 52 26.43 15.87 -10.51
CA PHE A 52 25.54 15.35 -9.48
C PHE A 52 24.18 15.03 -10.07
N LEU A 53 23.68 13.83 -9.78
CA LEU A 53 22.35 13.48 -10.24
C LEU A 53 21.59 12.80 -9.14
N PRO A 54 20.25 12.84 -9.22
CA PRO A 54 19.39 12.19 -8.25
C PRO A 54 19.65 10.68 -8.10
N LEU A 55 19.99 10.28 -6.88
CA LEU A 55 19.97 8.87 -6.51
C LEU A 55 18.57 8.33 -6.72
N GLN A 56 18.45 7.17 -7.36
CA GLN A 56 17.21 6.43 -7.34
C GLN A 56 17.47 5.25 -6.42
N HIS A 57 16.94 5.33 -5.20
CA HIS A 57 17.32 4.44 -4.07
C HIS A 57 17.25 2.94 -4.32
N ASP A 58 16.29 2.49 -5.13
CA ASP A 58 16.14 1.06 -5.42
C ASP A 58 17.06 0.67 -6.55
N ARG A 59 17.63 1.67 -7.21
CA ARG A 59 18.55 1.47 -8.32
C ARG A 59 19.95 1.90 -7.93
N LEU A 60 20.22 2.00 -6.63
CA LEU A 60 21.52 2.40 -6.14
C LEU A 60 22.65 1.68 -6.84
N SER A 61 22.60 0.35 -6.80
CA SER A 61 23.66 -0.47 -7.36
C SER A 61 23.65 -0.44 -8.87
N ASP A 62 22.47 -0.31 -9.47
CA ASP A 62 22.40 -0.20 -10.91
C ASP A 62 23.02 1.11 -11.34
N GLN A 63 22.86 2.12 -10.50
CA GLN A 63 23.34 3.44 -10.82
C GLN A 63 24.88 3.50 -10.80
N LEU A 64 25.50 2.92 -9.78
CA LEU A 64 26.95 2.86 -9.73
C LEU A 64 27.51 1.86 -10.74
N THR A 65 26.78 0.76 -10.94
CA THR A 65 27.23 -0.29 -11.85
C THR A 65 27.02 -0.01 -13.34
N TYR A 66 25.83 0.44 -13.73
CA TYR A 66 25.55 0.56 -15.15
C TYR A 66 25.47 1.98 -15.69
N GLU A 67 25.06 2.93 -14.87
CA GLU A 67 24.78 4.27 -15.35
C GLU A 67 26.00 5.20 -15.28
N GLY A 68 27.13 4.71 -14.76
CA GLY A 68 28.35 5.52 -14.72
C GLY A 68 28.55 6.39 -13.46
N ALA A 69 27.85 6.07 -12.38
CA ALA A 69 28.00 6.80 -11.12
C ALA A 69 29.31 6.42 -10.45
N ASP A 70 30.16 7.40 -10.16
CA ASP A 70 31.46 7.11 -9.56
C ASP A 70 31.32 6.76 -8.08
N LEU A 71 30.47 7.52 -7.39
CA LEU A 71 30.24 7.39 -5.96
C LEU A 71 28.78 7.70 -5.67
N ALA A 72 28.21 7.04 -4.67
CA ALA A 72 26.86 7.38 -4.24
C ALA A 72 26.91 7.85 -2.79
N ILE A 73 26.24 8.96 -2.48
CA ILE A 73 26.08 9.36 -1.08
C ILE A 73 24.61 9.30 -0.62
N CYS A 74 24.30 8.38 0.29
CA CYS A 74 22.94 8.23 0.77
C CYS A 74 22.88 7.33 1.99
N ARG A 75 21.66 6.95 2.36
CA ARG A 75 21.43 5.87 3.31
C ARG A 75 20.87 4.65 2.56
N PRO A 76 21.76 3.71 2.17
CA PRO A 76 21.29 2.49 1.50
C PRO A 76 20.18 1.80 2.28
N THR A 77 19.03 1.59 1.66
CA THR A 77 17.90 0.95 2.32
C THR A 77 18.21 -0.51 2.68
N GLY A 78 19.44 -0.95 2.47
CA GLY A 78 19.86 -2.29 2.83
C GLY A 78 21.33 -2.59 2.53
N PRO A 79 21.77 -3.80 2.86
CA PRO A 79 23.14 -4.27 2.58
C PRO A 79 23.52 -4.07 1.12
N VAL A 80 24.74 -3.60 0.88
CA VAL A 80 25.14 -3.17 -0.46
C VAL A 80 26.18 -4.05 -1.14
N GLU A 81 26.60 -5.14 -0.48
CA GLU A 81 27.58 -6.06 -1.07
C GLU A 81 27.10 -6.61 -2.41
N PRO A 82 28.00 -6.65 -3.41
CA PRO A 82 29.43 -6.32 -3.36
C PRO A 82 29.78 -4.86 -3.71
N LEU A 83 29.00 -3.92 -3.22
CA LEU A 83 29.34 -2.50 -3.38
C LEU A 83 30.13 -2.01 -2.18
N ARG A 84 31.22 -1.31 -2.45
CA ARG A 84 32.02 -0.75 -1.40
C ARG A 84 31.25 0.35 -0.65
N SER A 85 31.45 0.43 0.64
CA SER A 85 30.69 1.39 1.41
C SER A 85 31.42 1.72 2.69
N GLU A 86 31.30 2.96 3.13
CA GLU A 86 31.79 3.33 4.44
C GLU A 86 30.81 4.33 5.04
N ILE A 87 30.56 4.27 6.35
CA ILE A 87 29.68 5.27 6.97
C ILE A 87 30.38 6.62 7.00
N LEU A 88 29.61 7.68 6.79
CA LEU A 88 30.14 9.04 6.80
C LEU A 88 29.86 9.70 8.13
N GLY A 89 28.63 9.52 8.62
CA GLY A 89 28.16 10.16 9.82
C GLY A 89 26.68 9.96 10.12
N ARG A 90 26.18 10.63 11.14
CA ARG A 90 24.94 10.23 11.77
C ARG A 90 23.83 11.26 11.62
N VAL A 91 23.11 11.20 10.52
CA VAL A 91 21.98 12.10 10.32
C VAL A 91 20.87 11.89 11.33
N GLY A 92 20.40 12.97 11.93
CA GLY A 92 19.23 12.93 12.80
C GLY A 92 18.13 13.78 12.21
N VAL A 93 16.91 13.63 12.76
CA VAL A 93 15.75 14.36 12.22
C VAL A 93 15.24 15.48 13.14
N LEU A 94 14.81 16.60 12.55
CA LEU A 94 14.45 17.77 13.31
C LEU A 94 13.21 18.43 12.68
N CYS A 95 12.49 19.26 13.42
CA CYS A 95 11.29 19.92 12.91
C CYS A 95 11.48 21.40 12.64
N LEU A 96 10.74 21.92 11.69
CA LEU A 96 10.80 23.33 11.33
C LEU A 96 9.40 23.91 11.40
N LEU A 97 9.22 24.98 12.16
CA LEU A 97 7.91 25.67 12.21
C LEU A 97 8.02 27.11 11.74
N SER A 98 6.94 27.64 11.20
CA SER A 98 6.87 29.06 10.87
C SER A 98 6.93 29.86 12.16
N LYS A 99 7.49 31.06 12.09
CA LYS A 99 7.66 31.84 13.30
C LYS A 99 6.31 32.23 13.88
N GLN A 100 5.27 32.18 13.04
CA GLN A 100 3.90 32.45 13.48
C GLN A 100 3.09 31.16 13.56
N HIS A 101 3.77 30.05 13.81
CA HIS A 101 3.06 28.82 14.08
C HIS A 101 2.67 28.89 15.55
N PRO A 102 1.52 28.33 15.90
CA PRO A 102 1.11 28.32 17.31
C PRO A 102 2.21 27.81 18.26
N LEU A 103 2.79 26.64 17.96
CA LEU A 103 3.75 26.01 18.88
C LEU A 103 5.15 26.62 18.76
N ALA A 104 5.29 27.70 18.00
CA ALA A 104 6.60 28.27 17.71
C ALA A 104 7.37 28.66 18.99
N ASN A 105 6.65 29.27 19.93
CA ASN A 105 7.26 29.78 21.15
C ASN A 105 7.02 28.94 22.38
N GLN A 106 6.65 27.68 22.19
CA GLN A 106 6.51 26.77 23.31
C GLN A 106 7.22 25.50 22.95
N GLU A 107 7.41 24.61 23.92
CA GLU A 107 8.00 23.33 23.56
C GLU A 107 6.91 22.50 22.94
N SER A 109 5.15 19.19 22.44
CA SER A 109 4.97 17.87 23.01
C SER A 109 4.51 16.90 21.93
N LEU A 110 4.77 15.62 22.15
CA LEU A 110 4.21 14.59 21.30
C LEU A 110 2.78 14.95 20.92
N ASP A 111 1.89 15.06 21.90
CA ASP A 111 0.53 15.38 21.54
C ASP A 111 0.49 16.53 20.54
N ASP A 112 1.18 17.63 20.82
CA ASP A 112 1.15 18.76 19.90
C ASP A 112 1.57 18.32 18.50
N TYR A 113 2.65 17.56 18.45
CA TYR A 113 3.14 17.04 17.18
C TYR A 113 2.00 16.32 16.43
N LEU A 114 1.36 15.38 17.12
CA LEU A 114 0.31 14.55 16.54
C LEU A 114 -1.02 15.27 16.20
N SER A 115 -1.15 16.55 16.55
CA SER A 115 -2.38 17.29 16.29
C SER A 115 -2.29 18.23 15.11
N HIS A 116 -1.15 18.24 14.42
CA HIS A 116 -0.92 19.25 13.39
C HIS A 116 -0.59 18.62 12.04
N PRO A 117 -0.86 19.35 10.95
CA PRO A 117 -0.54 18.88 9.59
C PRO A 117 0.97 18.77 9.46
N HIS A 118 1.45 17.70 8.84
CA HIS A 118 2.88 17.46 8.75
C HIS A 118 3.35 17.60 7.30
N ALA A 119 4.45 18.31 7.10
CA ALA A 119 5.12 18.38 5.80
C ALA A 119 6.49 17.72 5.89
N ILE A 121 10.01 16.81 4.49
CA ILE A 121 10.93 17.23 3.45
C ILE A 121 12.22 16.42 3.47
N ALA A 122 12.76 16.14 2.28
CA ALA A 122 14.12 15.63 2.07
C ALA A 122 14.48 14.34 2.81
N ILE A 123 13.45 13.63 3.27
CA ILE A 123 13.58 12.41 4.03
C ILE A 123 13.42 11.24 3.08
N SER A 124 14.38 10.33 3.04
CA SER A 124 14.22 9.14 2.21
C SER A 124 13.11 8.21 2.74
N ASP A 125 12.49 7.45 1.85
CA ASP A 125 11.55 6.40 2.25
C ASP A 125 12.09 5.54 3.39
N GLY A 126 13.30 5.01 3.21
CA GLY A 126 13.95 4.20 4.22
C GLY A 126 13.99 4.87 5.59
N VAL A 127 14.26 6.18 5.60
CA VAL A 127 14.21 6.96 6.84
C VAL A 127 12.78 7.28 7.26
N LYS A 128 11.91 7.47 6.27
CA LYS A 128 10.47 7.63 6.46
C LYS A 128 9.92 6.42 7.22
N ALA A 129 10.41 5.25 6.82
CA ALA A 129 10.00 4.01 7.46
C ALA A 129 10.53 3.98 8.89
N LEU A 130 11.73 4.50 9.08
CA LEU A 130 12.32 4.58 10.43
C LEU A 130 11.45 5.36 11.41
N ILE A 131 10.92 6.50 10.97
CA ILE A 131 10.14 7.36 11.83
C ILE A 131 8.73 6.81 12.01
N GLU A 132 8.23 6.16 10.96
CA GLU A 132 6.92 5.57 10.99
C GLU A 132 6.94 4.47 12.03
N GLN A 133 8.10 3.80 12.12
CA GLN A 133 8.28 2.68 13.03
C GLN A 133 8.53 3.14 14.47
N ALA A 134 8.91 4.41 14.62
CA ALA A 134 9.17 5.00 15.93
C ALA A 134 7.86 5.56 16.47
N LEU A 135 7.00 5.95 15.53
CA LEU A 135 5.66 6.43 15.84
C LEU A 135 4.62 5.32 15.70
N ILE A 136 5.07 4.06 15.72
CA ILE A 136 4.21 2.92 15.38
C ILE A 136 3.04 2.68 16.35
N ASP A 137 3.16 3.15 17.59
CA ASP A 137 2.13 2.94 18.60
C ASP A 137 1.29 4.19 18.86
N LYS A 138 1.41 5.17 17.98
CA LYS A 138 0.74 6.45 18.18
C LYS A 138 -0.37 6.67 17.17
N PRO A 139 -1.32 7.56 17.50
CA PRO A 139 -2.32 7.95 16.51
C PRO A 139 -1.64 8.27 15.18
N GLN A 140 -2.41 8.22 14.12
CA GLN A 140 -1.92 8.65 12.82
C GLN A 140 -1.74 10.17 12.86
N ARG A 141 -0.71 10.70 12.22
CA ARG A 141 -0.70 12.13 11.99
C ARG A 141 -1.19 12.40 10.57
N LYS A 142 -1.58 13.63 10.28
CA LYS A 142 -1.94 13.99 8.91
C LYS A 142 -0.70 14.48 8.18
N VAL A 144 0.27 16.13 5.24
CA VAL A 144 -0.28 16.98 4.20
C VAL A 144 0.66 17.18 2.99
N LEU A 145 1.95 17.03 3.20
CA LEU A 145 2.91 17.27 2.12
C LEU A 145 4.16 16.40 2.23
N ARG A 146 4.54 15.76 1.13
CA ARG A 146 5.78 15.00 1.08
C ARG A 146 6.55 15.38 -0.17
N ALA A 147 7.59 16.17 0.00
CA ALA A 147 8.39 16.63 -1.12
C ALA A 147 9.85 16.27 -0.92
N TYR A 148 10.75 16.92 -1.65
CA TYR A 148 12.15 16.54 -1.66
C TYR A 148 13.09 17.73 -1.76
N HIS A 149 12.69 18.74 -2.54
CA HIS A 149 13.25 20.07 -2.33
C HIS A 149 12.30 20.66 -1.31
N LEU A 150 12.79 21.55 -0.46
CA LEU A 150 11.91 22.13 0.54
C LEU A 150 11.20 23.42 0.13
N GLU A 151 11.54 24.01 -1.01
CA GLU A 151 10.82 25.20 -1.46
C GLU A 151 9.32 24.93 -1.67
N ALA A 152 8.91 23.68 -1.50
CA ALA A 152 7.49 23.33 -1.60
C ALA A 152 6.80 23.49 -0.24
N ALA A 153 7.42 22.98 0.81
CA ALA A 153 6.92 23.20 2.15
C ALA A 153 6.97 24.70 2.47
N LEU A 154 8.10 25.34 2.15
CA LEU A 154 8.22 26.78 2.29
C LEU A 154 6.94 27.42 1.78
N ALA A 155 6.53 27.03 0.57
CA ALA A 155 5.37 27.61 -0.11
C ALA A 155 4.12 27.64 0.76
N ILE A 156 3.97 26.70 1.67
CA ILE A 156 2.75 26.63 2.48
C ILE A 156 3.02 26.77 3.99
N VAL A 157 4.26 27.06 4.34
CA VAL A 157 4.61 27.23 5.75
C VAL A 157 3.96 28.50 6.31
N LEU A 160 -1.30 27.01 6.11
CA LEU A 160 -1.44 25.80 6.95
C LEU A 160 -0.41 25.71 8.09
N PRO A 161 -0.88 25.39 9.30
CA PRO A 161 0.05 25.31 10.43
C PRO A 161 0.88 24.03 10.35
N ILE A 162 1.68 23.88 9.30
CA ILE A 162 2.40 22.63 9.16
C ILE A 162 3.65 22.57 10.01
N ILE A 163 3.98 21.36 10.44
CA ILE A 163 5.26 21.06 11.06
C ILE A 163 6.11 20.32 10.02
N ILE A 164 7.21 20.95 9.63
CA ILE A 164 8.09 20.44 8.58
C ILE A 164 9.17 19.53 9.16
N THR A 165 9.05 18.22 8.97
CA THR A 165 10.13 17.33 9.41
C THR A 165 11.24 17.27 8.37
N VAL A 166 12.48 17.25 8.82
CA VAL A 166 13.63 17.31 7.93
C VAL A 166 14.84 16.74 8.63
N PRO A 167 15.82 16.22 7.85
CA PRO A 167 17.11 15.83 8.43
C PRO A 167 17.68 17.02 9.23
N ALA A 168 18.19 16.76 10.43
CA ALA A 168 18.64 17.81 11.35
C ALA A 168 19.42 18.98 10.73
N ASP A 169 20.48 18.66 10.00
CA ASP A 169 21.45 19.65 9.53
C ASP A 169 20.79 20.63 8.59
N LEU A 170 19.78 20.15 7.88
CA LEU A 170 19.05 20.96 6.91
C LEU A 170 18.16 21.95 7.63
N ALA A 171 17.44 21.46 8.64
CA ALA A 171 16.68 22.31 9.54
C ALA A 171 17.51 23.56 9.94
N TYR A 172 18.69 23.34 10.54
CA TYR A 172 19.53 24.45 10.99
C TYR A 172 19.92 25.38 9.85
N LEU A 173 20.16 24.79 8.69
CA LEU A 173 20.62 25.53 7.53
C LEU A 173 19.58 26.54 7.03
N VAL A 174 18.35 26.08 6.80
CA VAL A 174 17.29 26.98 6.33
C VAL A 174 16.52 27.63 7.47
N ALA A 175 16.28 26.90 8.55
CA ALA A 175 15.65 27.52 9.71
C ALA A 175 16.30 28.87 9.89
N GLU A 176 17.62 28.84 9.90
CA GLU A 176 18.42 30.07 9.92
C GLU A 176 17.86 31.19 9.04
N ARG A 177 17.83 30.99 7.72
CA ARG A 177 17.63 32.07 6.77
C ARG A 177 16.22 32.27 6.23
N TYR A 178 15.30 31.39 6.61
CA TYR A 178 13.92 31.53 6.18
C TYR A 178 13.11 31.94 7.38
N ASP A 179 13.79 32.59 8.31
CA ASP A 179 13.27 32.80 9.65
C ASP A 179 12.06 31.96 10.01
N LEU A 180 12.34 30.72 10.38
CA LEU A 180 11.37 29.88 11.04
C LEU A 180 12.10 29.19 12.21
N VAL A 181 11.42 28.32 12.96
CA VAL A 181 12.05 27.70 14.14
C VAL A 181 12.21 26.17 14.11
N VAL A 182 13.09 25.68 14.98
CA VAL A 182 13.53 24.30 15.01
C VAL A 182 13.16 23.65 16.32
N LYS A 183 12.20 22.73 16.29
CA LYS A 183 11.82 22.00 17.51
C LYS A 183 12.27 20.54 17.41
N PRO A 184 12.82 19.98 18.49
CA PRO A 184 13.17 18.55 18.46
C PRO A 184 11.95 17.65 18.20
N LEU A 185 12.20 16.42 17.77
CA LEU A 185 11.16 15.43 17.64
C LEU A 185 10.67 15.06 19.03
N PRO A 186 9.36 15.18 19.28
CA PRO A 186 8.79 14.95 20.60
C PRO A 186 8.77 13.47 20.92
N PHE A 187 9.73 12.72 20.37
CA PHE A 187 9.85 11.31 20.71
C PHE A 187 11.28 10.81 20.59
N GLN A 188 11.51 9.60 21.05
CA GLN A 188 12.82 9.00 20.98
C GLN A 188 13.00 8.52 19.58
N PHE A 189 14.05 9.01 18.92
CA PHE A 189 14.37 8.63 17.56
C PHE A 189 15.88 8.62 17.45
N THR A 190 16.43 7.50 17.01
CA THR A 190 17.86 7.29 17.05
C THR A 190 18.49 7.53 15.68
N PRO A 191 19.35 8.56 15.58
CA PRO A 191 20.03 8.90 14.33
C PRO A 191 20.38 7.68 13.46
N PHE A 192 20.02 7.77 12.19
CA PHE A 192 20.46 6.81 11.18
C PHE A 192 21.80 7.30 10.70
N ASP A 193 22.50 6.51 9.89
CA ASP A 193 23.72 7.06 9.32
C ASP A 193 23.80 7.05 7.81
N TYR A 194 24.40 8.12 7.30
CA TYR A 194 24.66 8.29 5.87
C TYR A 194 26.01 7.66 5.55
N SER A 195 26.24 7.46 4.26
CA SER A 195 27.43 6.76 3.77
C SER A 195 27.80 7.09 2.33
N ILE A 197 28.89 5.19 -1.22
CA ILE A 197 28.81 3.87 -1.82
C ILE A 197 29.49 3.91 -3.16
N TRP A 198 30.26 2.88 -3.48
CA TRP A 198 30.91 2.81 -4.78
C TRP A 198 31.16 1.38 -5.25
N HIS A 199 31.38 1.25 -6.56
CA HIS A 199 31.70 -0.03 -7.18
C HIS A 199 33.15 -0.45 -6.87
N ALA A 200 33.37 -1.75 -6.69
CA ALA A 200 34.72 -2.28 -6.56
C ALA A 200 35.60 -1.68 -7.66
N ARG A 201 35.01 -1.50 -8.83
CA ARG A 201 35.70 -0.91 -9.98
C ARG A 201 36.31 0.47 -9.72
N CYS A 202 35.85 1.15 -8.67
CA CYS A 202 36.39 2.45 -8.32
C CYS A 202 37.19 2.39 -7.04
N GLU A 203 37.44 1.18 -6.56
CA GLU A 203 38.08 0.99 -5.27
C GLU A 203 39.54 1.43 -5.29
N HIS A 204 40.23 1.06 -6.37
CA HIS A 204 41.66 1.30 -6.47
C HIS A 204 42.01 2.34 -7.52
N SER A 205 41.06 3.20 -7.86
CA SER A 205 41.37 4.34 -8.70
C SER A 205 41.96 5.47 -7.87
N PRO A 206 43.20 5.88 -8.20
CA PRO A 206 43.89 7.01 -7.56
C PRO A 206 42.99 8.25 -7.41
N ALA A 207 42.17 8.52 -8.42
CA ALA A 207 41.26 9.68 -8.41
C ALA A 207 40.04 9.47 -7.52
N GLN A 208 39.47 8.26 -7.58
CA GLN A 208 38.33 7.93 -6.74
C GLN A 208 38.75 7.77 -5.27
N GLU A 209 39.91 7.17 -5.01
CA GLU A 209 40.38 7.06 -3.64
C GLU A 209 40.59 8.46 -3.12
N TRP A 210 40.89 9.39 -4.03
CA TRP A 210 41.11 10.77 -3.61
C TRP A 210 39.80 11.49 -3.33
N LEU A 211 38.85 11.38 -4.28
CA LEU A 211 37.53 12.00 -4.11
C LEU A 211 36.91 11.58 -2.79
N ARG A 212 36.88 10.28 -2.54
CA ARG A 212 36.25 9.76 -1.34
C ARG A 212 36.82 10.41 -0.07
N SER A 213 38.14 10.52 -0.02
CA SER A 213 38.82 11.08 1.14
C SER A 213 38.54 12.57 1.38
N VAL A 214 38.44 13.36 0.30
CA VAL A 214 38.08 14.75 0.47
C VAL A 214 36.65 14.85 0.97
N VAL A 215 35.80 13.97 0.45
CA VAL A 215 34.43 13.82 0.97
C VAL A 215 34.51 13.40 2.44
N ARG A 216 35.34 12.40 2.71
CA ARG A 216 35.46 11.83 4.04
C ARG A 216 35.84 12.87 5.10
N GLU A 217 36.87 13.65 4.82
CA GLU A 217 37.38 14.57 5.84
C GLU A 217 36.58 15.87 5.91
N GLU A 218 35.80 16.15 4.86
CA GLU A 218 34.88 17.29 4.86
C GLU A 218 33.61 16.95 5.60
N CYS A 219 33.09 15.74 5.38
CA CYS A 219 32.03 15.18 6.22
C CYS A 219 32.51 15.16 7.65
N SER A 220 33.69 14.58 7.85
CA SER A 220 34.31 14.55 9.17
C SER A 220 34.27 15.97 9.67
N ARG A 221 34.84 16.88 8.87
CA ARG A 221 34.89 18.30 9.21
C ARG A 221 33.51 18.83 9.57
N LEU A 222 32.49 18.33 8.88
CA LEU A 222 31.13 18.84 9.04
C LEU A 222 30.55 18.42 10.39
N ILE A 223 30.78 17.16 10.75
CA ILE A 223 30.37 16.66 12.05
C ILE A 223 30.98 17.56 13.12
N ALA A 224 32.30 17.66 13.16
CA ALA A 224 32.99 18.53 14.10
C ALA A 224 32.21 19.83 14.30
N LYS A 225 32.48 20.80 13.42
CA LYS A 225 31.75 22.04 13.36
C LYS A 225 30.36 21.92 13.98
N ARG A 226 29.57 20.97 13.48
CA ARG A 226 28.23 20.74 13.99
C ARG A 226 28.22 20.30 15.45
N ILE A 227 28.91 19.20 15.75
CA ILE A 227 29.06 18.69 17.11
C ILE A 227 29.22 19.81 18.16
N GLU A 228 30.13 20.73 17.85
CA GLU A 228 30.42 21.91 18.67
C GLU A 228 29.16 22.70 19.00
N ASP B 13 -7.94 -50.40 1.40
CA ASP B 13 -9.38 -50.51 1.61
C ASP B 13 -9.91 -49.30 2.36
N PRO B 14 -10.79 -48.50 1.71
CA PRO B 14 -11.36 -47.27 2.26
C PRO B 14 -12.58 -47.49 3.14
N GLN B 15 -13.21 -48.66 3.06
CA GLN B 15 -14.38 -48.94 3.89
C GLN B 15 -14.01 -48.91 5.37
N GLN B 16 -12.78 -49.32 5.67
CA GLN B 16 -12.30 -49.49 7.04
C GLN B 16 -11.55 -48.26 7.56
N CYS B 17 -11.14 -47.39 6.64
CA CYS B 17 -10.41 -46.17 7.02
C CYS B 17 -11.25 -45.28 7.93
N ASP B 18 -10.80 -45.07 9.17
CA ASP B 18 -11.51 -44.18 10.11
C ASP B 18 -10.64 -42.98 10.45
N GLN B 19 -9.55 -42.87 9.70
CA GLN B 19 -8.60 -41.77 9.86
C GLN B 19 -9.25 -40.44 9.51
N THR B 20 -8.83 -39.39 10.22
CA THR B 20 -9.35 -38.05 9.96
C THR B 20 -8.36 -37.17 9.15
N PHE B 21 -8.87 -36.53 8.11
CA PHE B 21 -8.03 -35.76 7.20
C PHE B 21 -8.22 -34.29 7.43
N THR B 22 -7.09 -33.58 7.53
CA THR B 22 -7.11 -32.14 7.59
C THR B 22 -6.86 -31.57 6.22
N ILE B 23 -7.77 -30.71 5.76
CA ILE B 23 -7.68 -30.08 4.46
C ILE B 23 -7.70 -28.59 4.69
N ALA B 24 -6.71 -27.86 4.18
CA ALA B 24 -6.74 -26.40 4.25
C ALA B 24 -7.39 -25.81 2.99
N THR B 25 -8.40 -24.97 3.15
CA THR B 25 -9.21 -24.53 2.02
C THR B 25 -9.50 -23.04 2.01
N THR B 26 -9.77 -22.52 0.82
CA THR B 26 -10.29 -21.17 0.67
C THR B 26 -11.82 -21.19 0.86
N ASP B 27 -12.49 -20.05 0.73
CA ASP B 27 -13.94 -19.99 0.92
C ASP B 27 -14.67 -20.52 -0.30
N TYR B 28 -14.28 -20.04 -1.47
CA TYR B 28 -14.80 -20.57 -2.71
C TYR B 28 -14.78 -22.08 -2.63
N ALA B 29 -13.58 -22.65 -2.51
CA ALA B 29 -13.42 -24.11 -2.52
C ALA B 29 -14.36 -24.75 -1.51
N GLN B 31 -17.28 -23.64 -0.46
CA GLN B 31 -18.69 -23.48 -0.76
C GLN B 31 -19.07 -24.20 -2.04
N THR B 32 -18.11 -24.38 -2.93
CA THR B 32 -18.42 -24.96 -4.22
C THR B 32 -17.86 -26.36 -4.34
N ILE B 33 -16.57 -26.50 -4.13
CA ILE B 33 -15.95 -27.80 -4.41
C ILE B 33 -16.41 -28.88 -3.45
N LEU B 34 -15.92 -28.84 -2.22
CA LEU B 34 -16.10 -29.91 -1.26
C LEU B 34 -17.56 -30.31 -0.97
N PRO B 35 -18.41 -29.33 -0.66
CA PRO B 35 -19.82 -29.72 -0.47
C PRO B 35 -20.21 -30.67 -1.58
N PHE B 36 -19.75 -30.36 -2.79
CA PHE B 36 -19.91 -31.26 -3.91
C PHE B 36 -19.25 -32.61 -3.64
N ALA B 37 -17.94 -32.59 -3.43
CA ALA B 37 -17.16 -33.83 -3.32
C ALA B 37 -17.46 -34.68 -2.09
N LEU B 38 -18.05 -34.08 -1.06
CA LEU B 38 -18.22 -34.77 0.22
C LEU B 38 -19.12 -36.03 0.26
N PRO B 39 -20.29 -35.99 -0.42
CA PRO B 39 -21.23 -37.12 -0.33
C PRO B 39 -20.63 -38.46 -0.71
N ARG B 40 -19.96 -38.51 -1.86
CA ARG B 40 -19.18 -39.70 -2.26
C ARG B 40 -18.06 -40.07 -1.28
N ILE B 41 -17.38 -39.07 -0.72
CA ILE B 41 -16.34 -39.34 0.27
C ILE B 41 -16.89 -40.20 1.39
N TYR B 42 -17.92 -39.72 2.08
CA TYR B 42 -18.50 -40.42 3.21
C TYR B 42 -19.28 -41.65 2.79
N GLN B 43 -19.72 -41.67 1.54
CA GLN B 43 -20.36 -42.86 0.99
C GLN B 43 -19.33 -43.96 0.83
N GLU B 44 -18.17 -43.61 0.29
CA GLU B 44 -17.07 -44.55 0.08
C GLU B 44 -16.44 -45.00 1.40
N ALA B 45 -16.23 -44.05 2.31
CA ALA B 45 -15.48 -44.31 3.52
C ALA B 45 -16.28 -43.84 4.71
N PRO B 46 -17.38 -44.54 5.01
CA PRO B 46 -18.31 -44.14 6.08
C PRO B 46 -17.60 -43.73 7.38
N ASN B 47 -16.46 -44.35 7.65
CA ASN B 47 -15.72 -44.09 8.89
C ASN B 47 -14.93 -42.78 8.94
N VAL B 48 -14.45 -42.30 7.79
CA VAL B 48 -13.55 -41.15 7.77
C VAL B 48 -14.10 -39.95 8.52
N SER B 49 -13.20 -39.03 8.83
CA SER B 49 -13.52 -37.84 9.57
C SER B 49 -12.78 -36.67 8.89
N PHE B 50 -13.39 -35.49 8.86
CA PHE B 50 -12.77 -34.36 8.15
C PHE B 50 -12.54 -33.12 9.01
N ASN B 51 -11.44 -32.42 8.74
CA ASN B 51 -11.14 -31.20 9.47
C ASN B 51 -10.73 -30.04 8.56
N PHE B 52 -11.71 -29.29 8.06
CA PHE B 52 -11.40 -28.21 7.14
C PHE B 52 -11.06 -26.95 7.90
N LEU B 53 -10.07 -26.22 7.41
CA LEU B 53 -9.68 -24.98 8.07
C LEU B 53 -9.26 -23.91 7.10
N PRO B 54 -9.46 -22.65 7.49
CA PRO B 54 -9.05 -21.49 6.69
C PRO B 54 -7.58 -21.55 6.28
N LEU B 55 -7.35 -21.66 4.98
CA LEU B 55 -6.03 -21.50 4.43
C LEU B 55 -5.55 -20.06 4.66
N GLN B 56 -4.35 -19.91 5.22
CA GLN B 56 -3.70 -18.60 5.26
C GLN B 56 -2.71 -18.62 4.11
N HIS B 57 -2.93 -17.78 3.09
CA HIS B 57 -2.27 -17.94 1.77
C HIS B 57 -0.75 -17.72 1.72
N ASP B 58 -0.21 -16.94 2.66
CA ASP B 58 1.23 -16.75 2.72
C ASP B 58 1.87 -17.82 3.60
N ARG B 59 1.02 -18.60 4.26
CA ARG B 59 1.46 -19.63 5.18
C ARG B 59 1.15 -21.02 4.65
N LEU B 60 0.87 -21.11 3.35
CA LEU B 60 0.48 -22.37 2.70
C LEU B 60 1.38 -23.57 2.98
N SER B 61 2.68 -23.40 2.76
CA SER B 61 3.61 -24.49 2.97
C SER B 61 3.78 -24.75 4.47
N ASP B 62 3.68 -23.70 5.28
CA ASP B 62 3.82 -23.88 6.71
C ASP B 62 2.64 -24.69 7.24
N GLN B 63 1.49 -24.48 6.61
CA GLN B 63 0.28 -25.14 7.02
C GLN B 63 0.40 -26.64 6.74
N LEU B 64 0.83 -27.00 5.54
CA LEU B 64 1.01 -28.41 5.18
C LEU B 64 2.22 -29.02 5.90
N THR B 65 3.24 -28.21 6.16
CA THR B 65 4.48 -28.70 6.74
C THR B 65 4.41 -28.80 8.28
N TYR B 66 4.12 -27.69 8.95
CA TYR B 66 4.16 -27.67 10.41
C TYR B 66 2.80 -27.81 11.12
N GLU B 67 1.73 -27.36 10.49
CA GLU B 67 0.46 -27.23 11.20
C GLU B 67 -0.43 -28.47 11.16
N GLY B 68 -0.06 -29.47 10.36
CA GLY B 68 -0.82 -30.71 10.29
C GLY B 68 -1.85 -30.83 9.17
N ALA B 69 -1.68 -30.09 8.08
CA ALA B 69 -2.64 -30.15 6.99
C ALA B 69 -2.28 -31.26 6.01
N ASP B 70 -3.23 -32.15 5.72
CA ASP B 70 -2.98 -33.32 4.87
C ASP B 70 -2.93 -32.91 3.40
N LEU B 71 -3.56 -31.81 3.07
CA LEU B 71 -3.78 -31.44 1.69
C LEU B 71 -4.36 -30.03 1.68
N ALA B 72 -4.10 -29.30 0.61
CA ALA B 72 -4.57 -27.94 0.50
C ALA B 72 -5.26 -27.66 -0.84
N ILE B 73 -6.45 -27.07 -0.81
CA ILE B 73 -7.07 -26.67 -2.05
C ILE B 73 -7.19 -25.14 -2.22
N CYS B 74 -6.36 -24.58 -3.08
CA CYS B 74 -6.45 -23.16 -3.41
C CYS B 74 -5.80 -22.89 -4.74
N ARG B 75 -5.52 -21.60 -4.97
CA ARG B 75 -4.63 -21.19 -6.06
C ARG B 75 -3.33 -20.62 -5.50
N PRO B 76 -2.26 -21.42 -5.50
CA PRO B 76 -0.97 -20.97 -4.94
C PRO B 76 -0.45 -19.71 -5.62
N THR B 77 -0.05 -18.72 -4.83
CA THR B 77 0.44 -17.46 -5.37
C THR B 77 1.85 -17.54 -5.96
N GLY B 78 2.38 -18.75 -6.07
CA GLY B 78 3.71 -18.95 -6.64
C GLY B 78 4.11 -20.40 -6.67
N PRO B 79 5.29 -20.70 -7.24
CA PRO B 79 5.82 -22.08 -7.20
C PRO B 79 5.67 -22.70 -5.82
N VAL B 80 5.24 -23.94 -5.81
CA VAL B 80 4.87 -24.63 -4.58
C VAL B 80 5.96 -25.63 -4.11
N GLU B 81 6.82 -26.02 -5.05
CA GLU B 81 8.04 -26.82 -4.77
C GLU B 81 8.79 -26.36 -3.51
N PRO B 82 9.13 -27.30 -2.60
CA PRO B 82 9.04 -28.78 -2.67
C PRO B 82 7.68 -29.37 -2.31
N LEU B 83 6.59 -28.63 -2.49
CA LEU B 83 5.28 -29.21 -2.23
C LEU B 83 4.79 -29.88 -3.50
N ARG B 84 4.24 -31.08 -3.36
CA ARG B 84 3.68 -31.77 -4.52
C ARG B 84 2.30 -31.21 -4.83
N SER B 85 2.05 -30.89 -6.09
CA SER B 85 0.84 -30.18 -6.42
C SER B 85 0.27 -30.62 -7.75
N GLU B 86 -1.04 -30.46 -7.90
CA GLU B 86 -1.66 -30.77 -9.18
C GLU B 86 -2.88 -29.87 -9.45
N ILE B 87 -2.98 -29.33 -10.67
CA ILE B 87 -4.12 -28.53 -11.07
C ILE B 87 -5.42 -29.34 -11.00
N LEU B 88 -6.47 -28.71 -10.47
CA LEU B 88 -7.79 -29.33 -10.40
C LEU B 88 -8.61 -28.96 -11.62
N GLY B 89 -8.62 -27.66 -11.95
CA GLY B 89 -9.34 -27.14 -13.09
C GLY B 89 -9.47 -25.64 -13.02
N ARG B 90 -10.32 -25.07 -13.88
CA ARG B 90 -10.16 -23.68 -14.29
C ARG B 90 -11.25 -22.71 -13.84
N VAL B 91 -11.22 -22.37 -12.56
CA VAL B 91 -12.06 -21.31 -11.98
C VAL B 91 -12.04 -20.01 -12.79
N GLY B 92 -13.23 -19.49 -13.09
CA GLY B 92 -13.36 -18.20 -13.73
C GLY B 92 -14.14 -17.24 -12.85
N VAL B 93 -14.23 -15.97 -13.23
CA VAL B 93 -14.95 -15.00 -12.39
C VAL B 93 -16.19 -14.37 -13.04
N LEU B 94 -17.27 -14.31 -12.27
CA LEU B 94 -18.56 -13.87 -12.76
C LEU B 94 -19.06 -12.79 -11.81
N CYS B 95 -20.00 -11.95 -12.26
CA CYS B 95 -20.62 -10.92 -11.43
C CYS B 95 -22.01 -11.31 -10.96
N LEU B 96 -22.60 -10.49 -10.09
CA LEU B 96 -23.81 -10.85 -9.36
C LEU B 96 -24.55 -9.58 -8.96
N LEU B 97 -25.69 -9.33 -9.61
CA LEU B 97 -26.52 -8.16 -9.30
C LEU B 97 -27.85 -8.54 -8.63
N SER B 98 -28.40 -7.64 -7.84
CA SER B 98 -29.74 -7.82 -7.29
C SER B 98 -30.73 -7.66 -8.41
N LYS B 99 -31.83 -8.40 -8.35
CA LYS B 99 -32.84 -8.31 -9.40
C LYS B 99 -33.32 -6.88 -9.58
N GLN B 100 -33.01 -6.03 -8.62
CA GLN B 100 -33.48 -4.65 -8.66
C GLN B 100 -32.33 -3.69 -8.81
N HIS B 101 -31.23 -4.21 -9.33
CA HIS B 101 -30.11 -3.36 -9.74
C HIS B 101 -30.43 -2.75 -11.11
N PRO B 102 -30.15 -1.45 -11.27
CA PRO B 102 -30.35 -0.82 -12.59
C PRO B 102 -29.97 -1.73 -13.77
N LEU B 103 -28.77 -2.31 -13.77
CA LEU B 103 -28.31 -3.11 -14.90
C LEU B 103 -28.78 -4.56 -14.86
N ALA B 104 -29.74 -4.86 -14.01
CA ALA B 104 -30.20 -6.24 -13.85
C ALA B 104 -30.67 -6.82 -15.17
N ASN B 105 -31.35 -6.00 -15.96
CA ASN B 105 -32.03 -6.49 -17.14
C ASN B 105 -31.43 -6.00 -18.44
N GLN B 106 -30.14 -5.70 -18.38
CA GLN B 106 -29.36 -5.38 -19.56
C GLN B 106 -28.00 -6.03 -19.48
N GLU B 107 -27.26 -5.92 -20.58
CA GLU B 107 -25.88 -6.37 -20.64
C GLU B 107 -25.05 -5.30 -19.96
N SER B 109 -21.88 -3.32 -19.72
CA SER B 109 -20.66 -2.96 -20.41
C SER B 109 -19.64 -2.44 -19.41
N LEU B 110 -18.38 -2.45 -19.80
CA LEU B 110 -17.31 -1.91 -19.00
C LEU B 110 -17.79 -0.63 -18.33
N ASP B 111 -18.16 0.37 -19.11
CA ASP B 111 -18.53 1.65 -18.52
C ASP B 111 -19.61 1.51 -17.46
N ASP B 112 -20.40 0.44 -17.56
CA ASP B 112 -21.43 0.22 -16.56
C ASP B 112 -20.79 -0.39 -15.33
N TYR B 113 -20.02 -1.44 -15.56
CA TYR B 113 -19.37 -2.15 -14.46
C TYR B 113 -18.68 -1.13 -13.60
N LEU B 114 -17.81 -0.35 -14.23
CA LEU B 114 -16.88 0.47 -13.48
C LEU B 114 -17.39 1.88 -13.12
N SER B 115 -18.71 2.07 -13.19
CA SER B 115 -19.34 3.27 -12.65
C SER B 115 -20.29 2.92 -11.51
N HIS B 116 -20.14 1.74 -10.95
CA HIS B 116 -20.95 1.30 -9.81
C HIS B 116 -20.08 0.81 -8.63
N PRO B 117 -20.66 0.76 -7.42
CA PRO B 117 -19.87 0.27 -6.27
C PRO B 117 -19.62 -1.23 -6.41
N HIS B 118 -18.47 -1.72 -5.94
CA HIS B 118 -18.11 -3.12 -6.08
C HIS B 118 -17.94 -3.86 -4.75
N ALA B 119 -18.53 -5.05 -4.67
CA ALA B 119 -18.29 -5.96 -3.55
C ALA B 119 -17.55 -7.19 -4.06
N ILE B 121 -16.24 -10.94 -3.28
CA ILE B 121 -16.42 -12.04 -2.36
C ILE B 121 -15.56 -13.22 -2.72
N ALA B 122 -15.01 -13.90 -1.72
CA ALA B 122 -14.34 -15.20 -1.87
C ALA B 122 -13.23 -15.25 -2.92
N ILE B 123 -12.73 -14.07 -3.27
CA ILE B 123 -11.63 -13.92 -4.23
C ILE B 123 -10.31 -13.85 -3.47
N SER B 124 -9.37 -14.71 -3.80
CA SER B 124 -8.07 -14.59 -3.15
C SER B 124 -7.40 -13.26 -3.55
N ASP B 125 -6.41 -12.81 -2.79
CA ASP B 125 -5.60 -11.65 -3.19
C ASP B 125 -4.88 -11.87 -4.50
N GLY B 126 -4.40 -13.10 -4.70
CA GLY B 126 -3.73 -13.47 -5.94
C GLY B 126 -4.63 -13.42 -7.17
N VAL B 127 -5.92 -13.71 -6.97
CA VAL B 127 -6.93 -13.54 -8.03
C VAL B 127 -7.35 -12.08 -8.14
N LYS B 128 -7.45 -11.41 -7.00
CA LYS B 128 -7.62 -9.96 -6.89
C LYS B 128 -6.61 -9.27 -7.80
N ALA B 129 -5.36 -9.69 -7.69
CA ALA B 129 -4.28 -9.03 -8.39
C ALA B 129 -4.37 -9.29 -9.91
N LEU B 130 -4.84 -10.48 -10.25
CA LEU B 130 -5.17 -10.84 -11.64
C LEU B 130 -6.16 -9.88 -12.28
N ILE B 131 -7.24 -9.60 -11.57
CA ILE B 131 -8.31 -8.77 -12.08
C ILE B 131 -7.89 -7.32 -12.14
N GLU B 132 -7.17 -6.88 -11.12
CA GLU B 132 -6.69 -5.52 -11.02
C GLU B 132 -5.76 -5.26 -12.20
N GLN B 133 -5.02 -6.29 -12.59
CA GLN B 133 -4.11 -6.20 -13.73
C GLN B 133 -4.83 -6.23 -15.07
N ALA B 134 -5.93 -6.98 -15.12
CA ALA B 134 -6.70 -7.13 -16.34
C ALA B 134 -7.36 -5.78 -16.62
N LEU B 135 -7.58 -5.07 -15.53
CA LEU B 135 -8.34 -3.84 -15.53
C LEU B 135 -7.37 -2.67 -15.29
N ILE B 136 -6.10 -2.87 -15.65
CA ILE B 136 -5.04 -1.92 -15.28
C ILE B 136 -5.09 -0.59 -16.00
N ASP B 137 -5.69 -0.57 -17.19
CA ASP B 137 -5.72 0.64 -18.02
C ASP B 137 -7.04 1.40 -17.94
N LYS B 138 -7.91 1.00 -17.02
CA LYS B 138 -9.23 1.58 -16.89
C LYS B 138 -9.31 2.51 -15.67
N PRO B 139 -10.31 3.38 -15.65
CA PRO B 139 -10.55 4.19 -14.45
C PRO B 139 -10.67 3.34 -13.21
N GLN B 140 -10.56 3.99 -12.06
CA GLN B 140 -10.64 3.30 -10.80
C GLN B 140 -12.12 3.05 -10.47
N ARG B 141 -12.49 1.78 -10.35
CA ARG B 141 -13.80 1.48 -9.80
C ARG B 141 -13.72 1.66 -8.29
N LYS B 142 -14.85 1.97 -7.66
CA LYS B 142 -14.93 2.08 -6.21
C LYS B 142 -15.24 0.71 -5.62
N VAL B 144 -16.57 -0.90 -2.60
CA VAL B 144 -17.24 -0.66 -1.32
C VAL B 144 -17.06 -1.80 -0.29
N LEU B 145 -16.82 -3.02 -0.76
CA LEU B 145 -16.75 -4.15 0.17
C LEU B 145 -15.85 -5.27 -0.34
N ARG B 146 -15.05 -5.84 0.57
CA ARG B 146 -14.21 -6.98 0.25
C ARG B 146 -14.32 -7.96 1.40
N ALA B 147 -15.08 -9.02 1.18
CA ALA B 147 -15.32 -10.01 2.22
C ALA B 147 -14.90 -11.36 1.67
N TYR B 148 -15.13 -12.42 2.44
CA TYR B 148 -14.71 -13.76 2.05
CA TYR B 148 -14.73 -13.75 2.00
C TYR B 148 -15.83 -14.79 2.20
N HIS B 149 -16.79 -14.49 3.08
CA HIS B 149 -18.04 -15.24 3.07
C HIS B 149 -18.91 -14.22 2.38
N LEU B 150 -19.96 -14.66 1.70
CA LEU B 150 -20.76 -13.70 0.96
C LEU B 150 -22.00 -13.20 1.70
N GLU B 151 -22.31 -13.76 2.86
CA GLU B 151 -23.44 -13.26 3.62
C GLU B 151 -23.31 -11.76 3.89
N ALA B 152 -22.12 -11.23 3.64
CA ALA B 152 -21.82 -9.83 3.91
C ALA B 152 -22.17 -8.91 2.73
N ALA B 153 -21.86 -9.36 1.50
CA ALA B 153 -22.33 -8.67 0.30
C ALA B 153 -23.85 -8.76 0.25
N LEU B 154 -24.39 -9.95 0.51
CA LEU B 154 -25.84 -10.12 0.68
C LEU B 154 -26.44 -9.02 1.54
N ALA B 155 -25.89 -8.81 2.72
CA ALA B 155 -26.34 -7.77 3.63
C ALA B 155 -26.64 -6.45 2.90
N ILE B 156 -25.86 -6.11 1.87
CA ILE B 156 -26.03 -4.83 1.20
C ILE B 156 -26.38 -4.94 -0.29
N VAL B 157 -26.45 -6.17 -0.80
CA VAL B 157 -26.62 -6.40 -2.24
C VAL B 157 -27.86 -5.73 -2.81
N ASP B 158 -28.82 -5.45 -1.94
CA ASP B 158 -29.97 -4.70 -2.39
C ASP B 158 -29.73 -3.20 -2.14
N THR B 159 -29.77 -2.82 -0.88
CA THR B 159 -29.72 -1.42 -0.51
C THR B 159 -28.32 -0.79 -0.72
N LEU B 160 -27.97 -0.53 -1.98
CA LEU B 160 -26.66 0.03 -2.38
C LEU B 160 -26.25 -0.70 -3.65
N PRO B 161 -26.36 -0.01 -4.80
CA PRO B 161 -26.35 -0.60 -6.16
C PRO B 161 -25.10 -1.37 -6.53
N ILE B 162 -24.66 -2.30 -5.68
CA ILE B 162 -23.35 -2.94 -5.86
C ILE B 162 -23.36 -4.05 -6.88
N ILE B 163 -22.24 -4.19 -7.58
CA ILE B 163 -21.98 -5.36 -8.40
C ILE B 163 -21.02 -6.25 -7.62
N ILE B 164 -21.44 -7.50 -7.39
CA ILE B 164 -20.67 -8.44 -6.60
C ILE B 164 -19.80 -9.29 -7.52
N THR B 165 -18.48 -9.24 -7.38
CA THR B 165 -17.63 -10.12 -8.17
C THR B 165 -17.30 -11.40 -7.41
N VAL B 166 -17.43 -12.53 -8.06
CA VAL B 166 -17.22 -13.81 -7.39
C VAL B 166 -16.70 -14.84 -8.38
N PRO B 167 -15.99 -15.84 -7.85
CA PRO B 167 -15.56 -16.97 -8.67
C PRO B 167 -16.76 -17.55 -9.38
N ALA B 168 -16.66 -17.75 -10.68
CA ALA B 168 -17.72 -18.29 -11.53
C ALA B 168 -18.75 -19.17 -10.81
N ASP B 169 -18.27 -20.28 -10.25
CA ASP B 169 -19.15 -21.38 -9.86
C ASP B 169 -19.95 -21.01 -8.63
N LEU B 170 -19.43 -20.05 -7.86
CA LEU B 170 -20.15 -19.56 -6.70
C LEU B 170 -21.28 -18.66 -7.16
N ALA B 171 -20.99 -17.81 -8.16
CA ALA B 171 -22.05 -17.04 -8.82
C ALA B 171 -23.27 -17.93 -9.16
N TYR B 172 -23.04 -19.11 -9.73
CA TYR B 172 -24.16 -19.96 -10.15
C TYR B 172 -24.85 -20.68 -8.99
N LEU B 173 -24.09 -20.98 -7.95
CA LEU B 173 -24.62 -21.72 -6.82
C LEU B 173 -25.57 -20.79 -6.06
N VAL B 174 -25.19 -19.51 -6.02
CA VAL B 174 -25.82 -18.55 -5.14
C VAL B 174 -26.85 -17.67 -5.84
N ALA B 175 -26.46 -17.08 -6.96
CA ALA B 175 -27.42 -16.34 -7.77
C ALA B 175 -28.68 -17.18 -7.90
N GLU B 176 -28.47 -18.46 -8.21
CA GLU B 176 -29.53 -19.42 -8.40
C GLU B 176 -30.56 -19.44 -7.26
N ARG B 177 -30.20 -18.88 -6.11
CA ARG B 177 -30.88 -19.18 -4.86
C ARG B 177 -31.19 -17.98 -3.95
N TYR B 178 -30.55 -16.84 -4.20
CA TYR B 178 -30.80 -15.62 -3.42
C TYR B 178 -31.48 -14.60 -4.33
N ASP B 179 -32.23 -15.11 -5.30
CA ASP B 179 -32.51 -14.37 -6.52
C ASP B 179 -31.77 -13.05 -6.69
N LEU B 180 -30.50 -13.18 -7.08
CA LEU B 180 -29.83 -12.09 -7.74
C LEU B 180 -29.36 -12.65 -9.09
N VAL B 181 -28.64 -11.85 -9.88
CA VAL B 181 -28.35 -12.27 -11.24
C VAL B 181 -26.87 -12.31 -11.58
N VAL B 182 -26.58 -12.99 -12.70
CA VAL B 182 -25.25 -13.45 -13.05
C VAL B 182 -24.82 -12.86 -14.37
N LYS B 183 -24.13 -11.72 -14.34
CA LYS B 183 -23.66 -11.06 -15.56
C LYS B 183 -22.18 -11.38 -15.80
N PRO B 184 -21.78 -11.56 -17.06
CA PRO B 184 -20.37 -11.80 -17.32
C PRO B 184 -19.54 -10.56 -17.04
N LEU B 185 -18.24 -10.76 -16.78
CA LEU B 185 -17.27 -9.68 -16.67
C LEU B 185 -17.12 -8.93 -17.99
N PRO B 186 -17.34 -7.61 -17.98
CA PRO B 186 -17.31 -6.79 -19.19
C PRO B 186 -15.88 -6.56 -19.71
N PHE B 187 -14.98 -7.49 -19.46
CA PHE B 187 -13.63 -7.41 -20.01
C PHE B 187 -13.05 -8.78 -20.24
N GLN B 188 -11.88 -8.81 -20.89
CA GLN B 188 -11.28 -10.07 -21.25
C GLN B 188 -10.38 -10.45 -20.12
N PHE B 189 -10.77 -11.51 -19.43
CA PHE B 189 -10.09 -11.95 -18.23
C PHE B 189 -10.03 -13.47 -18.35
N THR B 190 -8.90 -14.08 -18.05
CA THR B 190 -8.76 -15.50 -18.35
C THR B 190 -8.94 -16.34 -17.10
N PRO B 191 -9.67 -17.45 -17.22
CA PRO B 191 -9.75 -18.33 -16.04
C PRO B 191 -8.36 -18.64 -15.44
N PHE B 192 -8.28 -18.63 -14.11
CA PHE B 192 -7.08 -19.02 -13.39
C PHE B 192 -7.23 -20.48 -13.01
N ASP B 193 -6.26 -21.03 -12.29
CA ASP B 193 -6.26 -22.45 -11.97
C ASP B 193 -6.29 -22.75 -10.50
N TYR B 194 -7.28 -23.54 -10.07
CA TYR B 194 -7.24 -24.12 -8.73
C TYR B 194 -6.48 -25.43 -8.77
N SER B 195 -6.01 -25.83 -7.59
CA SER B 195 -5.19 -27.04 -7.49
C SER B 195 -5.20 -27.65 -6.11
N ILE B 197 -2.64 -29.29 -3.22
CA ILE B 197 -1.29 -29.07 -2.76
C ILE B 197 -1.09 -29.90 -1.51
N TRP B 198 -0.06 -30.73 -1.51
CA TRP B 198 0.27 -31.51 -0.33
C TRP B 198 1.76 -31.58 -0.13
N HIS B 199 2.14 -32.03 1.07
CA HIS B 199 3.53 -32.21 1.45
C HIS B 199 4.01 -33.58 0.97
N ALA B 200 5.26 -33.67 0.54
CA ALA B 200 5.90 -34.93 0.19
C ALA B 200 5.52 -36.07 1.13
N ARG B 201 5.66 -35.83 2.43
CA ARG B 201 5.29 -36.79 3.47
C ARG B 201 3.94 -37.49 3.23
N CYS B 202 3.06 -36.86 2.47
CA CYS B 202 1.73 -37.42 2.22
C CYS B 202 1.64 -38.08 0.85
N GLU B 203 2.74 -38.02 0.10
CA GLU B 203 2.77 -38.47 -1.29
C GLU B 203 2.42 -39.93 -1.43
N HIS B 204 2.99 -40.76 -0.57
CA HIS B 204 2.86 -42.20 -0.70
C HIS B 204 1.95 -42.86 0.33
N SER B 205 1.41 -42.06 1.26
CA SER B 205 0.42 -42.57 2.20
C SER B 205 -0.77 -43.14 1.44
N PRO B 206 -1.03 -44.43 1.63
CA PRO B 206 -2.18 -45.11 1.00
C PRO B 206 -3.51 -44.38 1.27
N ALA B 207 -3.63 -43.72 2.43
CA ALA B 207 -4.85 -42.96 2.75
C ALA B 207 -4.90 -41.63 2.00
N GLN B 208 -3.76 -40.94 1.95
CA GLN B 208 -3.64 -39.67 1.22
C GLN B 208 -3.78 -39.82 -0.30
N GLU B 209 -3.15 -40.84 -0.88
CA GLU B 209 -3.28 -41.06 -2.32
C GLU B 209 -4.75 -41.27 -2.58
N TRP B 210 -5.44 -41.88 -1.62
CA TRP B 210 -6.84 -42.18 -1.81
C TRP B 210 -7.71 -40.91 -1.72
N LEU B 211 -7.39 -40.06 -0.75
CA LEU B 211 -8.08 -38.78 -0.59
C LEU B 211 -7.98 -37.95 -1.84
N ARG B 212 -6.77 -37.79 -2.35
CA ARG B 212 -6.55 -36.95 -3.50
C ARG B 212 -7.25 -37.48 -4.73
N SER B 213 -7.20 -38.81 -4.91
CA SER B 213 -7.87 -39.45 -6.05
C SER B 213 -9.38 -39.15 -6.11
N VAL B 214 -10.07 -39.28 -4.98
CA VAL B 214 -11.49 -38.96 -4.94
C VAL B 214 -11.75 -37.47 -5.12
N VAL B 215 -10.89 -36.62 -4.55
CA VAL B 215 -11.00 -35.19 -4.81
C VAL B 215 -10.80 -34.92 -6.31
N ARG B 216 -9.92 -35.70 -6.91
CA ARG B 216 -9.61 -35.58 -8.32
C ARG B 216 -10.84 -35.95 -9.13
N GLU B 217 -11.34 -37.15 -8.89
CA GLU B 217 -12.56 -37.60 -9.56
C GLU B 217 -13.68 -36.56 -9.45
N GLU B 218 -13.97 -36.16 -8.22
CA GLU B 218 -15.09 -35.26 -7.93
C GLU B 218 -14.98 -33.86 -8.53
N CYS B 219 -13.75 -33.34 -8.57
CA CYS B 219 -13.52 -32.09 -9.26
C CYS B 219 -13.78 -32.28 -10.73
N SER B 220 -13.17 -33.29 -11.33
CA SER B 220 -13.38 -33.57 -12.74
C SER B 220 -14.87 -33.78 -12.99
N ARG B 221 -15.55 -34.48 -12.11
CA ARG B 221 -16.96 -34.68 -12.27
C ARG B 221 -17.63 -33.34 -12.25
N LEU B 222 -17.20 -32.48 -11.38
CA LEU B 222 -17.76 -31.17 -11.31
C LEU B 222 -17.53 -30.40 -12.56
N ILE B 223 -16.36 -30.48 -13.15
CA ILE B 223 -16.24 -29.72 -14.36
C ILE B 223 -17.20 -30.25 -15.40
N ALA B 224 -17.32 -31.56 -15.50
CA ALA B 224 -18.10 -32.08 -16.59
C ALA B 224 -19.53 -31.64 -16.47
N LYS B 225 -20.07 -31.68 -15.28
CA LYS B 225 -21.42 -31.28 -15.01
C LYS B 225 -21.48 -29.83 -15.32
N ARG B 226 -20.45 -29.14 -14.93
CA ARG B 226 -20.35 -27.71 -15.04
C ARG B 226 -20.40 -27.30 -16.45
N ILE B 227 -19.78 -28.05 -17.32
CA ILE B 227 -19.97 -27.77 -18.71
C ILE B 227 -21.40 -28.07 -19.15
N PHE C 12 -16.74 15.17 13.53
CA PHE C 12 -16.66 14.08 12.56
C PHE C 12 -18.05 13.63 12.12
N ASP C 13 -18.27 13.63 10.80
CA ASP C 13 -19.59 13.35 10.21
C ASP C 13 -19.60 12.10 9.34
N PRO C 14 -20.33 11.07 9.77
CA PRO C 14 -20.50 9.76 9.11
C PRO C 14 -20.82 9.81 7.62
N GLN C 15 -21.67 10.72 7.18
CA GLN C 15 -22.08 10.69 5.78
C GLN C 15 -21.02 11.26 4.87
N GLN C 16 -20.09 12.00 5.46
CA GLN C 16 -19.02 12.63 4.70
C GLN C 16 -17.80 11.71 4.72
N CYS C 17 -17.89 10.64 5.51
CA CYS C 17 -16.79 9.69 5.65
C CYS C 17 -16.68 8.75 4.45
N ASP C 18 -15.46 8.57 3.95
CA ASP C 18 -15.22 7.76 2.76
C ASP C 18 -14.03 6.82 2.88
N GLN C 19 -13.40 6.80 4.04
CA GLN C 19 -12.22 5.97 4.21
C GLN C 19 -12.61 4.50 4.29
N THR C 20 -11.65 3.62 4.07
CA THR C 20 -11.95 2.21 4.18
C THR C 20 -11.42 1.60 5.48
N PHE C 21 -12.30 0.88 6.16
CA PHE C 21 -11.99 0.26 7.44
C PHE C 21 -11.65 -1.19 7.23
N THR C 22 -10.59 -1.64 7.90
CA THR C 22 -10.13 -3.01 7.78
C THR C 22 -10.37 -3.76 9.08
N ILE C 23 -11.31 -4.69 9.04
CA ILE C 23 -11.68 -5.50 10.20
C ILE C 23 -11.15 -6.91 10.04
N ALA C 24 -10.34 -7.36 10.98
CA ALA C 24 -9.95 -8.76 10.99
C ALA C 24 -11.07 -9.57 11.67
N THR C 25 -11.61 -10.58 11.00
CA THR C 25 -12.75 -11.28 11.55
C THR C 25 -12.64 -12.77 11.47
N THR C 26 -13.25 -13.45 12.43
CA THR C 26 -13.33 -14.89 12.37
C THR C 26 -14.49 -15.25 11.45
N ASP C 27 -14.65 -16.52 11.17
CA ASP C 27 -15.72 -16.94 10.29
C ASP C 27 -17.06 -16.69 10.94
N TYR C 28 -17.18 -17.01 12.22
CA TYR C 28 -18.44 -16.79 12.97
C TYR C 28 -18.94 -15.36 12.77
N ALA C 29 -18.06 -14.40 13.04
CA ALA C 29 -18.41 -12.98 12.96
C ALA C 29 -18.62 -12.51 11.52
N GLN C 31 -20.27 -14.19 9.31
CA GLN C 31 -21.60 -14.59 8.86
C GLN C 31 -22.69 -14.24 9.87
N THR C 32 -22.31 -13.61 10.97
CA THR C 32 -23.31 -13.20 11.96
C THR C 32 -23.27 -11.71 12.28
N ILE C 33 -22.27 -11.32 13.07
CA ILE C 33 -22.19 -9.96 13.58
C ILE C 33 -22.11 -8.92 12.46
N LEU C 34 -21.03 -8.98 11.67
CA LEU C 34 -20.77 -7.98 10.63
C LEU C 34 -21.88 -7.85 9.57
N PRO C 35 -22.36 -8.98 9.01
CA PRO C 35 -23.49 -8.80 8.10
C PRO C 35 -24.65 -8.13 8.82
N PHE C 36 -24.87 -8.49 10.08
CA PHE C 36 -25.96 -7.90 10.84
C PHE C 36 -25.77 -6.39 10.92
N ALA C 37 -24.53 -5.99 11.18
CA ALA C 37 -24.23 -4.59 11.46
C ALA C 37 -24.11 -3.77 10.19
N LEU C 38 -23.77 -4.42 9.08
CA LEU C 38 -23.40 -3.69 7.88
C LEU C 38 -24.48 -2.77 7.29
N PRO C 39 -25.75 -3.20 7.28
CA PRO C 39 -26.76 -2.35 6.67
C PRO C 39 -26.87 -1.01 7.41
N ARG C 40 -26.87 -1.07 8.73
CA ARG C 40 -26.96 0.14 9.51
C ARG C 40 -25.69 0.98 9.31
N ILE C 41 -24.56 0.30 9.08
CA ILE C 41 -23.28 0.97 8.84
C ILE C 41 -23.38 1.84 7.60
N TYR C 42 -23.72 1.21 6.48
CA TYR C 42 -23.74 1.87 5.18
C TYR C 42 -24.77 2.98 5.07
N GLN C 43 -25.91 2.76 5.70
CA GLN C 43 -26.92 3.80 5.83
C GLN C 43 -26.35 5.10 6.44
N GLU C 44 -25.66 4.98 7.57
CA GLU C 44 -25.11 6.13 8.27
C GLU C 44 -23.94 6.75 7.53
N ALA C 45 -23.17 5.90 6.88
CA ALA C 45 -21.94 6.30 6.18
C ALA C 45 -21.93 5.61 4.84
N PRO C 46 -22.68 6.18 3.88
CA PRO C 46 -22.91 5.52 2.60
C PRO C 46 -21.63 5.42 1.79
N ASN C 47 -20.66 6.27 2.11
CA ASN C 47 -19.46 6.38 1.29
C ASN C 47 -18.23 5.65 1.83
N VAL C 48 -18.41 4.91 2.93
CA VAL C 48 -17.31 4.17 3.52
C VAL C 48 -17.04 2.91 2.73
N SER C 49 -15.98 2.22 3.11
CA SER C 49 -15.54 1.06 2.36
C SER C 49 -14.97 0.10 3.40
N PHE C 50 -15.21 -1.19 3.21
CA PHE C 50 -14.78 -2.17 4.18
C PHE C 50 -13.88 -3.23 3.56
N ASN C 51 -12.80 -3.55 4.26
CA ASN C 51 -12.02 -4.72 3.89
C ASN C 51 -12.00 -5.73 5.02
N PHE C 52 -12.74 -6.81 4.85
CA PHE C 52 -12.75 -7.86 5.86
C PHE C 52 -11.74 -8.91 5.49
N LEU C 53 -10.74 -9.11 6.36
CA LEU C 53 -9.81 -10.20 6.19
C LEU C 53 -9.89 -11.19 7.35
N PRO C 54 -9.45 -12.44 7.09
CA PRO C 54 -9.47 -13.49 8.13
C PRO C 54 -8.48 -13.20 9.27
N LEU C 55 -8.96 -13.45 10.49
CA LEU C 55 -8.19 -13.26 11.70
C LEU C 55 -7.32 -14.49 11.98
N GLN C 56 -6.00 -14.35 11.82
CA GLN C 56 -5.08 -15.35 12.35
C GLN C 56 -5.11 -15.26 13.88
N HIS C 57 -5.72 -16.26 14.51
CA HIS C 57 -6.11 -16.10 15.91
C HIS C 57 -4.90 -15.96 16.81
N ASP C 58 -3.72 -16.14 16.21
CA ASP C 58 -2.47 -16.24 16.95
C ASP C 58 -1.54 -15.12 16.52
N ARG C 59 -1.85 -14.52 15.38
CA ARG C 59 -1.11 -13.38 14.86
C ARG C 59 -1.85 -12.08 15.21
N LEU C 60 -2.81 -12.19 16.12
CA LEU C 60 -3.73 -11.08 16.42
C LEU C 60 -3.07 -9.74 16.60
N SER C 61 -2.04 -9.66 17.42
CA SER C 61 -1.45 -8.36 17.72
C SER C 61 -0.78 -7.76 16.50
N ASP C 62 -0.19 -8.62 15.67
CA ASP C 62 0.58 -8.15 14.53
C ASP C 62 -0.33 -7.62 13.44
N GLN C 63 -1.45 -8.31 13.25
CA GLN C 63 -2.52 -7.87 12.35
C GLN C 63 -3.01 -6.45 12.60
N LEU C 64 -3.19 -6.08 13.87
CA LEU C 64 -3.65 -4.73 14.19
C LEU C 64 -2.51 -3.71 14.13
N THR C 65 -1.28 -4.18 14.27
CA THR C 65 -0.16 -3.26 14.39
C THR C 65 0.40 -2.91 13.02
N TYR C 66 0.73 -3.93 12.24
CA TYR C 66 1.41 -3.71 10.96
C TYR C 66 0.53 -4.04 9.77
N GLU C 67 -0.11 -5.21 9.80
CA GLU C 67 -0.85 -5.73 8.65
C GLU C 67 -2.05 -4.87 8.23
N GLY C 68 -2.36 -3.82 9.00
CA GLY C 68 -3.35 -2.85 8.57
C GLY C 68 -4.81 -3.04 9.01
N ALA C 69 -5.07 -3.87 10.01
CA ALA C 69 -6.44 -3.93 10.56
C ALA C 69 -6.70 -2.81 11.58
N ASP C 70 -7.87 -2.18 11.45
CA ASP C 70 -8.32 -1.11 12.35
C ASP C 70 -9.09 -1.67 13.54
N LEU C 71 -9.52 -2.91 13.41
CA LEU C 71 -10.34 -3.53 14.43
C LEU C 71 -10.31 -5.04 14.24
N ALA C 72 -10.37 -5.78 15.33
CA ALA C 72 -10.46 -7.21 15.20
C ALA C 72 -11.66 -7.66 16.00
N ILE C 73 -12.34 -8.70 15.54
CA ILE C 73 -13.51 -9.17 16.25
C ILE C 73 -13.45 -10.67 16.43
N CYS C 74 -13.27 -11.12 17.66
CA CYS C 74 -13.11 -12.55 17.93
C CYS C 74 -13.20 -12.84 19.42
N ARG C 75 -12.81 -14.05 19.80
CA ARG C 75 -12.69 -14.39 21.22
C ARG C 75 -11.25 -14.71 21.53
N PRO C 76 -10.51 -13.69 21.97
CA PRO C 76 -9.07 -13.84 22.18
C PRO C 76 -8.78 -15.04 23.06
N THR C 77 -7.75 -15.78 22.68
CA THR C 77 -7.22 -16.89 23.45
C THR C 77 -6.23 -16.33 24.46
N VAL C 80 -4.34 -10.01 25.62
CA VAL C 80 -4.35 -9.07 24.49
C VAL C 80 -3.70 -7.70 24.78
N GLU C 81 -3.65 -7.33 26.06
CA GLU C 81 -2.95 -6.11 26.46
C GLU C 81 -1.51 -6.18 25.93
N PRO C 82 -0.96 -5.06 25.44
CA PRO C 82 -1.46 -3.68 25.44
C PRO C 82 -2.58 -3.38 24.43
N LEU C 83 -3.01 -4.36 23.63
CA LEU C 83 -4.13 -4.14 22.73
C LEU C 83 -5.36 -3.80 23.57
N ARG C 84 -6.10 -2.77 23.17
CA ARG C 84 -7.32 -2.45 23.89
C ARG C 84 -8.37 -3.48 23.51
N SER C 85 -9.38 -3.64 24.35
CA SER C 85 -10.39 -4.63 24.08
C SER C 85 -11.66 -4.37 24.88
N GLU C 86 -12.73 -5.04 24.48
CA GLU C 86 -14.02 -4.86 25.09
C GLU C 86 -14.91 -6.04 24.71
N ILE C 87 -15.59 -6.61 25.69
CA ILE C 87 -16.56 -7.66 25.38
C ILE C 87 -17.73 -7.09 24.58
N LEU C 88 -18.11 -7.81 23.52
CA LEU C 88 -19.26 -7.41 22.72
C LEU C 88 -20.51 -8.11 23.26
N GLY C 89 -20.33 -9.18 24.03
CA GLY C 89 -21.45 -9.92 24.56
C GLY C 89 -21.16 -11.42 24.67
N ARG C 90 -22.16 -12.16 25.13
CA ARG C 90 -22.05 -13.63 25.24
C ARG C 90 -22.59 -14.36 24.03
N VAL C 91 -21.80 -15.26 23.48
CA VAL C 91 -22.26 -16.13 22.40
C VAL C 91 -22.54 -17.52 22.99
N GLY C 92 -23.71 -18.05 22.69
CA GLY C 92 -24.06 -19.38 23.13
C GLY C 92 -23.94 -20.35 21.97
N VAL C 93 -23.99 -21.65 22.26
CA VAL C 93 -23.88 -22.67 21.23
C VAL C 93 -25.18 -23.49 21.05
N LEU C 94 -25.56 -23.74 19.80
CA LEU C 94 -26.84 -24.35 19.46
C LEU C 94 -26.63 -25.49 18.47
N CYS C 95 -27.56 -26.43 18.45
CA CYS C 95 -27.43 -27.56 17.54
C CYS C 95 -28.37 -27.39 16.39
N LEU C 96 -28.01 -27.98 15.26
CA LEU C 96 -28.80 -27.92 14.06
C LEU C 96 -28.96 -29.32 13.48
N LEU C 97 -30.19 -29.77 13.35
CA LEU C 97 -30.46 -31.04 12.67
C LEU C 97 -31.19 -30.77 11.36
N SER C 98 -31.05 -31.68 10.41
CA SER C 98 -31.84 -31.65 9.19
C SER C 98 -33.29 -31.91 9.57
N LYS C 99 -34.22 -31.24 8.89
CA LYS C 99 -35.65 -31.47 9.12
C LYS C 99 -36.00 -32.96 8.93
N GLN C 100 -35.06 -33.68 8.32
CA GLN C 100 -35.19 -35.11 8.06
C GLN C 100 -34.46 -35.99 9.08
N HIS C 101 -33.74 -35.35 10.01
CA HIS C 101 -33.05 -36.10 11.06
C HIS C 101 -34.08 -36.83 11.93
N PRO C 102 -33.75 -38.04 12.38
CA PRO C 102 -34.66 -38.75 13.28
C PRO C 102 -35.07 -37.89 14.48
N LEU C 103 -34.13 -37.11 15.03
CA LEU C 103 -34.42 -36.30 16.20
C LEU C 103 -34.97 -34.91 15.83
N ALA C 104 -35.30 -34.73 14.55
CA ALA C 104 -35.78 -33.42 14.10
C ALA C 104 -36.95 -32.90 14.93
N ASN C 105 -37.72 -33.81 15.51
CA ASN C 105 -38.94 -33.39 16.21
C ASN C 105 -39.02 -33.78 17.69
N GLN C 106 -38.10 -34.63 18.13
CA GLN C 106 -38.09 -35.03 19.53
C GLN C 106 -37.02 -34.24 20.29
N GLU C 107 -37.07 -34.32 21.62
CA GLU C 107 -36.14 -33.58 22.47
C GLU C 107 -34.76 -34.21 22.50
N SER C 109 -31.75 -35.26 24.19
CA SER C 109 -31.09 -35.59 25.45
C SER C 109 -29.60 -35.79 25.19
N LEU C 110 -28.83 -35.81 26.26
CA LEU C 110 -27.39 -35.97 26.15
C LEU C 110 -27.08 -37.28 25.43
N ASP C 111 -27.91 -38.29 25.69
CA ASP C 111 -27.61 -39.65 25.24
C ASP C 111 -27.87 -39.78 23.74
N ASP C 112 -28.82 -38.98 23.24
CA ASP C 112 -29.04 -38.87 21.81
C ASP C 112 -27.83 -38.22 21.17
N TYR C 113 -27.59 -36.97 21.57
CA TYR C 113 -26.43 -36.22 21.15
C TYR C 113 -25.19 -37.10 21.03
N LEU C 114 -24.84 -37.76 22.13
CA LEU C 114 -23.59 -38.52 22.20
C LEU C 114 -23.53 -39.75 21.31
N SER C 115 -24.66 -40.16 20.75
CA SER C 115 -24.68 -41.39 19.96
C SER C 115 -24.81 -41.17 18.46
N HIS C 116 -24.97 -39.92 18.03
CA HIS C 116 -25.00 -39.61 16.61
C HIS C 116 -23.70 -38.91 16.22
N PRO C 117 -23.31 -39.01 14.93
CA PRO C 117 -22.04 -38.44 14.43
C PRO C 117 -22.13 -36.92 14.40
N HIS C 118 -21.01 -36.22 14.53
CA HIS C 118 -21.12 -34.78 14.66
C HIS C 118 -20.48 -34.00 13.53
N ALA C 119 -21.05 -32.84 13.26
CA ALA C 119 -20.42 -31.83 12.44
C ALA C 119 -20.28 -30.55 13.27
N ILE C 121 -19.54 -26.72 13.14
CA ILE C 121 -19.39 -25.60 12.23
C ILE C 121 -19.12 -24.26 12.89
N ALA C 122 -18.04 -23.62 12.46
CA ALA C 122 -17.72 -22.25 12.85
C ALA C 122 -17.33 -22.10 14.32
N ILE C 123 -16.86 -23.18 14.93
CA ILE C 123 -16.39 -23.13 16.32
C ILE C 123 -14.87 -23.11 16.40
N SER C 124 -14.29 -21.96 16.74
CA SER C 124 -12.83 -21.91 16.91
C SER C 124 -12.37 -22.99 17.91
N ASP C 125 -11.10 -23.39 17.82
CA ASP C 125 -10.55 -24.36 18.79
C ASP C 125 -10.78 -23.87 20.22
N GLY C 126 -10.68 -22.56 20.42
CA GLY C 126 -10.89 -21.97 21.72
C GLY C 126 -12.18 -22.42 22.37
N VAL C 127 -13.26 -22.38 21.58
CA VAL C 127 -14.58 -22.76 22.02
C VAL C 127 -14.75 -24.28 21.99
N LYS C 128 -14.08 -24.93 21.05
CA LYS C 128 -14.10 -26.39 21.00
C LYS C 128 -13.47 -26.99 22.24
N ALA C 129 -12.46 -26.28 22.74
CA ALA C 129 -11.81 -26.63 23.99
C ALA C 129 -12.83 -26.50 25.13
N LEU C 130 -13.60 -25.42 25.10
CA LEU C 130 -14.63 -25.17 26.07
C LEU C 130 -15.67 -26.27 26.09
N ILE C 131 -16.00 -26.80 24.91
CA ILE C 131 -17.04 -27.81 24.75
C ILE C 131 -16.55 -29.18 25.17
N GLU C 132 -15.39 -29.57 24.66
CA GLU C 132 -14.71 -30.81 25.09
C GLU C 132 -14.62 -30.80 26.61
N GLN C 133 -14.52 -29.59 27.16
CA GLN C 133 -14.44 -29.37 28.60
C GLN C 133 -15.73 -29.76 29.32
N ALA C 134 -16.84 -29.18 28.89
CA ALA C 134 -18.13 -29.50 29.45
C ALA C 134 -18.50 -30.96 29.24
N LEU C 135 -17.78 -31.63 28.34
CA LEU C 135 -18.17 -32.96 27.88
C LEU C 135 -17.13 -33.96 28.35
N ILE C 136 -16.28 -33.48 29.24
CA ILE C 136 -15.06 -34.18 29.68
C ILE C 136 -15.36 -35.59 30.22
N ASP C 137 -16.46 -35.72 30.96
CA ASP C 137 -16.75 -36.95 31.70
C ASP C 137 -17.61 -37.95 30.94
N LYS C 138 -18.42 -37.44 30.02
CA LYS C 138 -19.28 -38.33 29.24
C LYS C 138 -18.50 -38.93 28.08
N PRO C 139 -19.00 -40.03 27.48
CA PRO C 139 -18.25 -40.80 26.48
C PRO C 139 -17.66 -39.93 25.39
N GLN C 140 -17.11 -40.57 24.37
CA GLN C 140 -16.45 -39.88 23.30
C GLN C 140 -17.35 -39.85 22.09
N ARG C 141 -17.84 -38.67 21.72
CA ARG C 141 -18.74 -38.57 20.59
C ARG C 141 -17.96 -38.68 19.28
N LYS C 142 -18.61 -39.21 18.23
CA LYS C 142 -18.02 -39.26 16.90
C LYS C 142 -18.05 -37.89 16.21
N VAL C 144 -17.40 -36.12 13.09
CA VAL C 144 -17.26 -36.56 11.71
C VAL C 144 -16.71 -35.46 10.81
N LEU C 145 -16.98 -34.21 11.17
CA LEU C 145 -16.60 -33.13 10.30
C LEU C 145 -16.50 -31.87 11.10
N ARG C 146 -15.45 -31.11 10.84
CA ARG C 146 -15.24 -29.83 11.48
C ARG C 146 -14.91 -28.84 10.37
N ALA C 147 -15.71 -27.78 10.28
CA ALA C 147 -15.56 -26.83 9.17
C ALA C 147 -16.01 -25.47 9.68
N TYR C 148 -15.79 -24.42 8.88
CA TYR C 148 -16.21 -23.07 9.26
C TYR C 148 -17.36 -22.51 8.41
N HIS C 149 -17.74 -23.24 7.36
CA HIS C 149 -18.77 -22.80 6.43
C HIS C 149 -19.80 -23.90 6.45
N LEU C 150 -21.04 -23.59 6.82
CA LEU C 150 -21.95 -24.71 7.08
C LEU C 150 -22.53 -25.33 5.82
N GLU C 151 -22.18 -24.77 4.66
CA GLU C 151 -22.53 -25.42 3.41
C GLU C 151 -21.70 -26.67 3.21
N ALA C 152 -20.92 -27.03 4.23
CA ALA C 152 -20.12 -28.26 4.19
C ALA C 152 -20.85 -29.31 5.00
N ALA C 153 -21.49 -28.86 6.08
CA ALA C 153 -22.38 -29.73 6.86
C ALA C 153 -23.64 -30.10 6.07
N LEU C 154 -24.25 -29.10 5.45
CA LEU C 154 -25.38 -29.32 4.54
C LEU C 154 -25.05 -30.42 3.57
N ALA C 155 -23.91 -30.27 2.92
CA ALA C 155 -23.50 -31.20 1.88
C ALA C 155 -23.77 -32.66 2.25
N ILE C 156 -23.74 -32.97 3.54
CA ILE C 156 -23.83 -34.35 3.99
C ILE C 156 -24.96 -34.69 4.96
N VAL C 157 -25.88 -33.75 5.22
CA VAL C 157 -27.02 -34.09 6.07
C VAL C 157 -27.84 -35.19 5.39
N ASP C 158 -27.59 -35.36 4.10
CA ASP C 158 -28.21 -36.41 3.31
C ASP C 158 -27.38 -37.70 3.34
N THR C 159 -26.66 -37.95 4.42
CA THR C 159 -25.76 -39.11 4.43
C THR C 159 -25.60 -39.67 5.83
N LEU C 160 -24.83 -38.99 6.66
CA LEU C 160 -24.83 -39.29 8.08
C LEU C 160 -25.91 -38.48 8.79
N PRO C 161 -26.49 -39.04 9.87
CA PRO C 161 -27.42 -38.27 10.69
C PRO C 161 -26.63 -37.35 11.63
N ILE C 162 -25.88 -36.41 11.09
CA ILE C 162 -25.04 -35.55 11.92
C ILE C 162 -25.85 -34.57 12.75
N ILE C 163 -25.38 -34.29 13.97
CA ILE C 163 -25.85 -33.12 14.68
C ILE C 163 -24.80 -32.06 14.44
N ILE C 164 -25.23 -30.91 13.93
CA ILE C 164 -24.31 -29.79 13.73
C ILE C 164 -24.36 -28.88 14.94
N THR C 165 -23.24 -28.74 15.62
CA THR C 165 -23.14 -27.73 16.66
C THR C 165 -22.70 -26.44 16.02
N VAL C 166 -23.31 -25.33 16.39
CA VAL C 166 -22.87 -24.06 15.86
C VAL C 166 -23.05 -23.00 16.93
N PRO C 167 -22.41 -21.84 16.76
CA PRO C 167 -22.74 -20.72 17.65
C PRO C 167 -24.21 -20.37 17.49
N ALA C 168 -24.85 -19.98 18.59
CA ALA C 168 -26.29 -19.81 18.58
C ALA C 168 -26.78 -18.90 17.46
N ASP C 169 -26.14 -17.74 17.29
CA ASP C 169 -26.61 -16.75 16.33
C ASP C 169 -26.49 -17.17 14.86
N LEU C 170 -25.51 -18.00 14.55
CA LEU C 170 -25.44 -18.58 13.22
C LEU C 170 -26.62 -19.54 13.04
N ALA C 171 -26.88 -20.35 14.07
CA ALA C 171 -28.05 -21.24 14.04
C ALA C 171 -29.35 -20.48 13.85
N TYR C 172 -29.42 -19.24 14.34
CA TYR C 172 -30.64 -18.48 14.13
C TYR C 172 -30.69 -17.86 12.73
N LEU C 173 -29.59 -17.24 12.31
CA LEU C 173 -29.47 -16.64 10.97
C LEU C 173 -29.74 -17.63 9.83
N VAL C 174 -29.16 -18.81 9.95
CA VAL C 174 -29.08 -19.78 8.85
C VAL C 174 -30.20 -20.82 8.85
N ALA C 175 -30.42 -21.45 9.99
CA ALA C 175 -31.31 -22.60 10.10
C ALA C 175 -32.58 -22.49 9.25
N GLU C 176 -33.38 -21.50 9.60
CA GLU C 176 -34.69 -21.28 9.02
C GLU C 176 -34.67 -21.33 7.49
N ARG C 177 -33.71 -20.65 6.87
CA ARG C 177 -33.60 -20.61 5.42
C ARG C 177 -33.01 -21.85 4.75
N TYR C 178 -32.67 -22.87 5.55
CA TYR C 178 -32.08 -24.08 4.97
C TYR C 178 -32.88 -25.32 5.35
N ASP C 179 -34.05 -25.10 5.95
CA ASP C 179 -34.91 -26.21 6.38
C ASP C 179 -34.19 -27.13 7.33
N LEU C 180 -33.81 -26.62 8.50
CA LEU C 180 -33.27 -27.51 9.51
C LEU C 180 -33.58 -27.02 10.92
N VAL C 181 -33.60 -27.93 11.88
CA VAL C 181 -34.16 -27.60 13.18
C VAL C 181 -33.10 -27.14 14.17
N VAL C 182 -33.51 -26.21 15.02
CA VAL C 182 -32.64 -25.67 16.03
C VAL C 182 -32.94 -26.32 17.38
N LYS C 183 -32.20 -27.38 17.68
CA LYS C 183 -32.26 -28.06 18.97
C LYS C 183 -31.25 -27.44 19.97
N PRO C 184 -31.68 -27.23 21.23
CA PRO C 184 -30.77 -26.64 22.22
C PRO C 184 -29.73 -27.66 22.70
N LEU C 185 -28.58 -27.18 23.17
CA LEU C 185 -27.56 -28.06 23.73
C LEU C 185 -28.13 -28.93 24.86
N PRO C 186 -27.93 -30.27 24.76
CA PRO C 186 -28.36 -31.23 25.78
C PRO C 186 -27.38 -31.31 26.98
N PHE C 187 -26.65 -30.24 27.24
CA PHE C 187 -25.77 -30.20 28.40
C PHE C 187 -25.39 -28.78 28.82
N GLN C 188 -24.79 -28.68 30.00
CA GLN C 188 -24.41 -27.41 30.61
C GLN C 188 -23.40 -26.68 29.75
N PHE C 189 -23.79 -25.58 29.11
CA PHE C 189 -22.76 -24.81 28.43
C PHE C 189 -22.89 -23.31 28.63
N THR C 190 -22.03 -22.80 29.51
CA THR C 190 -21.87 -21.36 29.67
C THR C 190 -21.53 -20.71 28.33
N PRO C 191 -22.31 -19.70 27.94
CA PRO C 191 -21.92 -18.90 26.77
C PRO C 191 -20.56 -18.24 26.99
N PHE C 192 -19.70 -18.29 25.97
CA PHE C 192 -18.40 -17.64 26.04
C PHE C 192 -18.54 -16.17 25.65
N ASP C 193 -17.50 -15.39 25.90
CA ASP C 193 -17.51 -13.97 25.55
C ASP C 193 -16.87 -13.69 24.19
N TYR C 194 -17.44 -12.73 23.46
CA TYR C 194 -16.86 -12.33 22.18
C TYR C 194 -16.43 -10.88 22.26
N SER C 195 -15.36 -10.53 21.57
CA SER C 195 -14.72 -9.23 21.80
C SER C 195 -14.42 -8.37 20.56
N ILE C 197 -11.16 -5.94 19.58
CA ILE C 197 -9.79 -5.65 19.95
C ILE C 197 -9.34 -4.57 18.98
N TRP C 198 -8.41 -3.74 19.42
CA TRP C 198 -7.86 -2.71 18.56
C TRP C 198 -6.57 -2.13 19.13
N HIS C 199 -5.79 -1.46 18.30
CA HIS C 199 -4.55 -0.88 18.76
C HIS C 199 -4.87 0.38 19.49
N ALA C 200 -4.17 0.63 20.60
CA ALA C 200 -4.39 1.82 21.40
C ALA C 200 -4.23 3.05 20.52
N ARG C 201 -3.40 2.91 19.49
CA ARG C 201 -3.26 3.92 18.45
C ARG C 201 -4.63 4.41 17.94
N CYS C 202 -5.56 3.47 17.73
CA CYS C 202 -6.89 3.76 17.17
C CYS C 202 -7.88 4.26 18.21
N GLU C 203 -7.42 4.48 19.45
CA GLU C 203 -8.37 4.83 20.51
C GLU C 203 -9.05 6.18 20.30
N HIS C 204 -8.31 7.23 19.98
CA HIS C 204 -8.94 8.54 19.91
C HIS C 204 -9.23 9.00 18.50
N SER C 205 -9.11 8.07 17.56
CA SER C 205 -9.45 8.34 16.17
C SER C 205 -10.96 8.40 16.02
N PRO C 206 -11.50 9.60 15.67
CA PRO C 206 -12.93 9.84 15.58
C PRO C 206 -13.66 8.80 14.73
N ALA C 207 -13.01 8.38 13.65
CA ALA C 207 -13.57 7.38 12.72
C ALA C 207 -13.60 5.99 13.36
N GLN C 208 -12.48 5.57 13.92
CA GLN C 208 -12.43 4.31 14.68
C GLN C 208 -13.37 4.32 15.88
N GLU C 209 -13.57 5.48 16.49
CA GLU C 209 -14.55 5.58 17.56
C GLU C 209 -15.97 5.45 17.02
N TRP C 210 -16.22 6.00 15.84
CA TRP C 210 -17.52 5.81 15.20
C TRP C 210 -17.74 4.35 14.89
N LEU C 211 -16.75 3.75 14.23
CA LEU C 211 -16.85 2.35 13.81
C LEU C 211 -17.22 1.51 15.01
N ARG C 212 -16.40 1.58 16.04
CA ARG C 212 -16.59 0.72 17.20
C ARG C 212 -17.96 0.94 17.83
N SER C 213 -18.37 2.20 17.94
CA SER C 213 -19.68 2.51 18.52
C SER C 213 -20.78 1.78 17.79
N VAL C 214 -20.81 1.93 16.47
CA VAL C 214 -21.87 1.28 15.70
C VAL C 214 -21.80 -0.23 15.89
N VAL C 215 -20.59 -0.77 15.91
CA VAL C 215 -20.41 -2.20 16.06
C VAL C 215 -20.81 -2.60 17.47
N ARG C 216 -20.69 -1.67 18.39
CA ARG C 216 -21.10 -1.90 19.77
C ARG C 216 -22.61 -1.92 19.84
N GLU C 217 -23.23 -0.89 19.26
CA GLU C 217 -24.68 -0.85 19.19
C GLU C 217 -25.25 -2.02 18.41
N GLU C 218 -24.75 -2.26 17.20
CA GLU C 218 -25.31 -3.34 16.38
C GLU C 218 -25.17 -4.70 17.03
N CYS C 219 -24.04 -4.95 17.67
CA CYS C 219 -23.91 -6.18 18.45
C CYS C 219 -24.98 -6.33 19.50
N SER C 220 -25.34 -5.21 20.12
CA SER C 220 -26.35 -5.24 21.17
C SER C 220 -27.72 -5.54 20.54
N ARG C 221 -28.12 -4.74 19.55
CA ARG C 221 -29.33 -5.03 18.79
C ARG C 221 -29.38 -6.52 18.49
N LEU C 222 -28.24 -7.06 18.07
CA LEU C 222 -28.19 -8.47 17.73
C LEU C 222 -28.62 -9.29 18.94
N ILE C 223 -27.91 -9.12 20.04
CA ILE C 223 -28.24 -9.86 21.24
C ILE C 223 -29.73 -9.68 21.57
N ALA C 224 -30.11 -8.45 21.90
CA ALA C 224 -31.47 -8.14 22.31
C ALA C 224 -32.48 -8.89 21.46
N LYS C 225 -32.31 -8.82 20.15
CA LYS C 225 -33.18 -9.50 19.20
C LYS C 225 -33.04 -11.02 19.24
N ARG C 226 -32.57 -11.56 20.36
CA ARG C 226 -32.61 -13.02 20.49
C ARG C 226 -33.26 -13.48 21.81
N PRO D 14 -12.77 21.17 -4.69
CA PRO D 14 -13.55 21.15 -3.45
C PRO D 14 -12.71 21.16 -2.18
N GLN D 15 -13.35 21.60 -1.12
CA GLN D 15 -12.76 21.58 0.20
C GLN D 15 -13.03 20.25 0.85
N GLN D 16 -14.00 19.52 0.34
CA GLN D 16 -14.31 18.22 0.93
C GLN D 16 -13.38 17.12 0.41
N CYS D 17 -12.47 17.50 -0.48
CA CYS D 17 -11.46 16.58 -0.98
C CYS D 17 -10.32 16.43 0.03
N ASP D 18 -9.96 15.19 0.32
CA ASP D 18 -8.97 14.87 1.35
C ASP D 18 -8.01 13.79 0.88
N GLN D 19 -8.17 13.35 -0.37
CA GLN D 19 -7.31 12.32 -0.93
C GLN D 19 -5.92 12.87 -1.22
N THR D 20 -4.97 11.97 -1.46
CA THR D 20 -3.63 12.46 -1.75
C THR D 20 -3.21 12.19 -3.20
N PHE D 21 -2.79 13.26 -3.85
CA PHE D 21 -2.36 13.20 -5.23
C PHE D 21 -0.87 12.95 -5.25
N THR D 22 -0.46 11.99 -6.06
CA THR D 22 0.96 11.71 -6.26
C THR D 22 1.40 12.34 -7.58
N ILE D 23 2.21 13.37 -7.48
CA ILE D 23 2.83 13.98 -8.66
C ILE D 23 4.27 13.48 -8.78
N ALA D 24 4.67 13.06 -9.96
CA ALA D 24 6.05 12.70 -10.20
C ALA D 24 6.75 13.90 -10.81
N THR D 25 7.80 14.42 -10.18
CA THR D 25 8.37 15.66 -10.69
C THR D 25 9.86 15.62 -10.95
N THR D 26 10.29 16.40 -11.92
CA THR D 26 11.70 16.65 -12.14
C THR D 26 12.07 17.68 -11.11
N ASP D 27 13.36 17.92 -10.95
CA ASP D 27 13.78 18.80 -9.89
C ASP D 27 13.36 20.21 -10.21
N TYR D 28 13.34 20.53 -11.50
CA TYR D 28 13.00 21.88 -11.95
C TYR D 28 11.57 22.26 -11.56
N ALA D 29 10.66 21.35 -11.87
CA ALA D 29 9.25 21.58 -11.64
C ALA D 29 8.96 21.58 -10.15
N GLN D 31 10.98 23.03 -7.92
CA GLN D 31 11.42 24.28 -7.30
C GLN D 31 10.67 25.50 -7.82
N THR D 32 10.06 25.37 -8.98
CA THR D 32 9.36 26.49 -9.59
C THR D 32 7.83 26.31 -9.72
N ILE D 33 7.42 25.37 -10.57
CA ILE D 33 6.01 25.22 -10.91
C ILE D 33 5.15 24.83 -9.70
N LEU D 34 5.38 23.63 -9.19
CA LEU D 34 4.68 23.13 -8.00
C LEU D 34 4.55 24.12 -6.82
N PRO D 35 5.67 24.61 -6.30
CA PRO D 35 5.57 25.50 -5.13
C PRO D 35 4.76 26.74 -5.46
N PHE D 36 4.85 27.20 -6.70
CA PHE D 36 4.07 28.34 -7.12
C PHE D 36 2.59 27.96 -7.05
N ALA D 37 2.29 26.76 -7.51
CA ALA D 37 0.92 26.30 -7.60
C ALA D 37 0.31 26.05 -6.23
N LEU D 38 1.13 25.65 -5.26
CA LEU D 38 0.62 25.06 -4.03
C LEU D 38 -0.27 25.95 -3.12
N PRO D 39 0.13 27.21 -2.88
CA PRO D 39 -0.73 28.04 -2.03
C PRO D 39 -2.17 27.99 -2.52
N ARG D 40 -2.36 28.12 -3.83
CA ARG D 40 -3.69 28.09 -4.39
C ARG D 40 -4.33 26.70 -4.34
N ILE D 41 -3.53 25.64 -4.41
CA ILE D 41 -4.09 24.29 -4.30
C ILE D 41 -4.68 24.11 -2.91
N TYR D 42 -3.90 24.45 -1.89
CA TYR D 42 -4.30 24.26 -0.50
C TYR D 42 -5.37 25.23 -0.10
N GLN D 43 -5.31 26.43 -0.65
CA GLN D 43 -6.37 27.40 -0.47
C GLN D 43 -7.72 26.80 -0.91
N GLU D 44 -7.81 26.36 -2.17
CA GLU D 44 -9.04 25.74 -2.68
C GLU D 44 -9.35 24.42 -2.01
N ALA D 45 -8.32 23.61 -1.78
CA ALA D 45 -8.48 22.28 -1.19
C ALA D 45 -7.65 22.16 0.10
N PRO D 46 -8.18 22.69 1.20
CA PRO D 46 -7.41 22.74 2.43
C PRO D 46 -7.07 21.33 2.91
N ASN D 47 -7.73 20.33 2.36
CA ASN D 47 -7.65 18.99 2.94
C ASN D 47 -6.88 17.95 2.12
N VAL D 48 -6.33 18.36 0.99
CA VAL D 48 -5.66 17.44 0.08
C VAL D 48 -4.18 17.24 0.41
N SER D 49 -3.77 15.99 0.51
CA SER D 49 -2.36 15.71 0.71
C SER D 49 -1.67 15.51 -0.64
N PHE D 50 -0.41 15.90 -0.73
CA PHE D 50 0.36 15.66 -1.94
C PHE D 50 1.54 14.78 -1.65
N ASN D 51 1.90 13.95 -2.62
CA ASN D 51 3.13 13.20 -2.51
C ASN D 51 4.00 13.39 -3.75
N PHE D 52 5.09 14.14 -3.58
CA PHE D 52 5.93 14.48 -4.72
C PHE D 52 7.14 13.58 -4.82
N LEU D 53 7.09 12.61 -5.71
CA LEU D 53 8.27 11.80 -5.92
C LEU D 53 9.03 12.18 -7.20
N PRO D 54 10.35 11.97 -7.18
CA PRO D 54 11.21 12.21 -8.36
C PRO D 54 10.80 11.41 -9.61
N LEU D 55 10.63 12.14 -10.70
CA LEU D 55 10.30 11.55 -12.01
C LEU D 55 11.53 10.87 -12.60
N GLN D 56 11.40 9.60 -12.94
CA GLN D 56 12.44 8.89 -13.70
C GLN D 56 12.09 8.94 -15.17
N HIS D 57 12.87 9.71 -15.92
CA HIS D 57 12.49 10.04 -17.27
C HIS D 57 12.29 8.82 -18.13
N ASP D 58 12.96 7.73 -17.79
CA ASP D 58 13.00 6.56 -18.64
C ASP D 58 11.93 5.55 -18.25
N ARG D 59 11.44 5.67 -17.02
CA ARG D 59 10.34 4.85 -16.54
C ARG D 59 9.11 5.71 -16.24
N LEU D 60 8.87 6.68 -17.12
CA LEU D 60 7.78 7.63 -16.98
C LEU D 60 6.45 6.94 -17.08
N SER D 61 6.33 6.00 -18.01
CA SER D 61 5.05 5.36 -18.24
C SER D 61 4.72 4.34 -17.16
N ASP D 62 5.76 3.79 -16.54
CA ASP D 62 5.56 2.78 -15.50
C ASP D 62 5.20 3.41 -14.17
N GLN D 63 5.78 4.57 -13.90
CA GLN D 63 5.41 5.39 -12.75
C GLN D 63 3.90 5.70 -12.73
N LEU D 64 3.38 6.12 -13.88
CA LEU D 64 1.97 6.45 -13.98
C LEU D 64 1.08 5.21 -13.99
N THR D 65 1.61 4.09 -14.47
CA THR D 65 0.83 2.86 -14.55
C THR D 65 0.79 2.09 -13.23
N TYR D 66 1.95 1.66 -12.74
CA TYR D 66 1.95 0.77 -11.56
C TYR D 66 2.42 1.42 -10.24
N GLU D 67 3.34 2.37 -10.34
CA GLU D 67 4.02 2.87 -9.15
C GLU D 67 3.24 3.94 -8.37
N GLY D 68 2.00 4.22 -8.77
CA GLY D 68 1.13 5.09 -7.99
C GLY D 68 1.08 6.58 -8.34
N ALA D 69 1.65 6.98 -9.48
CA ALA D 69 1.65 8.39 -9.83
C ALA D 69 0.44 8.81 -10.68
N ASP D 70 -0.29 9.81 -10.20
CA ASP D 70 -1.48 10.29 -10.87
C ASP D 70 -1.20 11.33 -11.95
N LEU D 71 -0.02 11.93 -11.88
CA LEU D 71 0.36 12.97 -12.84
C LEU D 71 1.88 13.13 -12.83
N ALA D 72 2.47 13.32 -13.98
CA ALA D 72 3.89 13.50 -14.03
C ALA D 72 4.08 14.85 -14.68
N ILE D 73 5.04 15.62 -14.21
CA ILE D 73 5.19 16.96 -14.72
C ILE D 73 6.62 17.13 -15.19
N CYS D 74 6.83 17.06 -16.50
CA CYS D 74 8.18 17.17 -17.03
C CYS D 74 8.21 17.57 -18.49
N ARG D 75 9.26 17.14 -19.17
CA ARG D 75 9.41 17.37 -20.60
C ARG D 75 9.83 16.07 -21.22
N PRO D 76 8.87 15.26 -21.66
CA PRO D 76 9.18 13.92 -22.15
C PRO D 76 10.26 13.93 -23.22
N THR D 77 11.21 13.01 -23.08
CA THR D 77 12.31 12.89 -24.02
C THR D 77 11.85 12.24 -25.33
N GLY D 78 10.54 12.03 -25.45
CA GLY D 78 9.97 11.47 -26.68
C GLY D 78 8.46 11.51 -26.71
N PRO D 79 7.85 10.70 -27.60
CA PRO D 79 6.40 10.55 -27.52
C PRO D 79 6.05 9.76 -26.28
N VAL D 80 4.82 9.91 -25.81
CA VAL D 80 4.37 9.29 -24.58
C VAL D 80 3.04 8.55 -24.75
N GLU D 81 2.42 8.73 -25.91
CA GLU D 81 1.23 7.95 -26.25
C GLU D 81 1.56 6.50 -25.91
N PRO D 82 0.60 5.76 -25.32
CA PRO D 82 -0.81 6.05 -24.99
C PRO D 82 -1.08 6.88 -23.71
N LEU D 83 -0.04 7.42 -23.07
CA LEU D 83 -0.26 8.34 -21.95
C LEU D 83 -0.78 9.66 -22.52
N ARG D 84 -1.88 10.19 -21.98
CA ARG D 84 -2.35 11.48 -22.45
C ARG D 84 -1.35 12.53 -21.99
N SER D 85 -1.21 13.61 -22.75
CA SER D 85 -0.25 14.64 -22.40
C SER D 85 -0.72 16.01 -22.86
N GLU D 86 0.02 17.03 -22.43
CA GLU D 86 -0.34 18.43 -22.66
C GLU D 86 0.84 19.36 -22.37
N ILE D 87 1.10 20.30 -23.26
CA ILE D 87 2.08 21.33 -22.93
C ILE D 87 1.55 22.30 -21.84
N LEU D 88 2.39 22.59 -20.85
CA LEU D 88 2.06 23.58 -19.83
C LEU D 88 2.48 24.98 -20.29
N GLY D 89 3.48 25.02 -21.17
CA GLY D 89 4.05 26.27 -21.62
C GLY D 89 5.51 26.15 -22.02
N ARG D 90 6.10 27.26 -22.40
CA ARG D 90 7.48 27.27 -22.86
C ARG D 90 8.45 27.86 -21.84
N VAL D 91 9.32 27.00 -21.32
CA VAL D 91 10.41 27.41 -20.45
C VAL D 91 11.62 27.89 -21.27
N GLY D 92 12.22 28.98 -20.82
CA GLY D 92 13.42 29.49 -21.45
C GLY D 92 14.60 29.26 -20.53
N VAL D 93 15.78 29.66 -20.97
CA VAL D 93 17.00 29.46 -20.19
C VAL D 93 17.76 30.77 -19.91
N LEU D 94 18.18 30.94 -18.67
CA LEU D 94 18.79 32.19 -18.23
C LEU D 94 20.13 31.90 -17.55
N CYS D 95 20.89 32.95 -17.31
CA CYS D 95 22.16 32.80 -16.63
C CYS D 95 22.13 33.54 -15.32
N LEU D 96 22.76 32.95 -14.31
CA LEU D 96 22.82 33.53 -12.99
C LEU D 96 24.27 33.78 -12.63
N LEU D 97 24.55 35.01 -12.21
CA LEU D 97 25.90 35.38 -11.79
C LEU D 97 25.88 35.86 -10.35
N SER D 98 26.93 35.55 -9.60
CA SER D 98 27.11 36.16 -8.30
C SER D 98 27.26 37.65 -8.55
N LYS D 99 26.75 38.48 -7.65
CA LYS D 99 26.89 39.92 -7.79
C LYS D 99 28.35 40.39 -7.81
N GLN D 100 29.25 39.53 -7.34
CA GLN D 100 30.68 39.82 -7.33
C GLN D 100 31.41 39.25 -8.55
N HIS D 101 30.65 38.72 -9.49
CA HIS D 101 31.22 38.20 -10.72
C HIS D 101 31.80 39.36 -11.52
N PRO D 102 32.95 39.15 -12.18
CA PRO D 102 33.47 40.16 -13.10
C PRO D 102 32.38 40.71 -14.02
N LEU D 103 31.53 39.82 -14.55
CA LEU D 103 30.49 40.20 -15.51
C LEU D 103 29.20 40.72 -14.87
N ALA D 104 29.07 40.54 -13.56
CA ALA D 104 27.87 40.97 -12.84
C ALA D 104 27.30 42.31 -13.34
N ASN D 105 28.21 43.18 -13.79
CA ASN D 105 27.89 44.56 -14.12
C ASN D 105 27.65 44.81 -15.62
N GLN D 106 28.52 44.26 -16.45
CA GLN D 106 28.46 44.51 -17.89
C GLN D 106 27.54 43.51 -18.58
N GLU D 107 27.52 43.54 -19.91
CA GLU D 107 26.64 42.65 -20.64
C GLU D 107 27.38 41.40 -21.13
N SER D 109 28.45 38.92 -23.63
CA SER D 109 28.64 38.52 -25.00
C SER D 109 28.87 37.01 -24.99
N LEU D 110 28.57 36.35 -26.09
CA LEU D 110 28.84 34.92 -26.21
C LEU D 110 30.30 34.62 -25.87
N ASP D 111 31.15 35.61 -26.05
CA ASP D 111 32.58 35.44 -25.83
C ASP D 111 32.91 35.46 -24.35
N ASP D 112 32.17 36.26 -23.59
CA ASP D 112 32.23 36.18 -22.14
C ASP D 112 31.81 34.78 -21.71
N TYR D 113 30.60 34.39 -22.08
CA TYR D 113 30.04 33.10 -21.70
C TYR D 113 31.01 31.94 -21.89
N LEU D 114 31.68 31.89 -23.03
CA LEU D 114 32.55 30.74 -23.35
C LEU D 114 33.89 30.72 -22.61
N SER D 115 34.37 31.89 -22.19
CA SER D 115 35.66 32.01 -21.52
C SER D 115 35.57 31.73 -20.02
N HIS D 116 34.35 31.56 -19.51
CA HIS D 116 34.17 31.36 -18.08
C HIS D 116 33.72 29.93 -17.78
N PRO D 117 34.01 29.45 -16.56
CA PRO D 117 33.56 28.12 -16.11
C PRO D 117 32.03 28.07 -15.99
N HIS D 118 31.46 26.89 -16.18
CA HIS D 118 30.02 26.80 -16.12
C HIS D 118 29.56 25.85 -15.06
N ALA D 119 28.57 26.30 -14.31
CA ALA D 119 27.74 25.44 -13.50
C ALA D 119 26.37 25.30 -14.17
N ILE D 121 22.68 24.17 -13.57
CA ILE D 121 21.76 23.85 -12.50
C ILE D 121 20.33 23.55 -12.97
N ALA D 122 19.87 22.33 -12.70
CA ALA D 122 18.47 21.94 -12.90
C ALA D 122 18.03 21.92 -14.38
N ILE D 123 18.98 21.75 -15.28
CA ILE D 123 18.69 21.69 -16.72
C ILE D 123 18.15 20.29 -17.08
N SER D 124 19.07 19.34 -17.13
CA SER D 124 18.80 17.94 -17.50
C SER D 124 19.19 17.70 -18.95
N ASP D 125 19.49 16.45 -19.27
CA ASP D 125 20.20 16.10 -20.49
C ASP D 125 19.41 16.45 -21.74
N GLY D 126 18.09 16.31 -21.68
CA GLY D 126 17.27 16.63 -22.82
C GLY D 126 17.46 18.07 -23.24
N VAL D 127 17.37 18.97 -22.26
CA VAL D 127 17.57 20.39 -22.49
C VAL D 127 19.06 20.66 -22.67
N LYS D 128 19.87 19.91 -21.93
CA LYS D 128 21.33 20.02 -22.01
C LYS D 128 21.75 19.80 -23.46
N ALA D 129 21.19 18.76 -24.05
CA ALA D 129 21.36 18.42 -25.45
C ALA D 129 20.81 19.54 -26.34
N LEU D 130 19.66 20.09 -25.97
CA LEU D 130 19.09 21.22 -26.69
C LEU D 130 20.08 22.39 -26.78
N ILE D 131 20.65 22.76 -25.62
CA ILE D 131 21.60 23.87 -25.50
C ILE D 131 22.88 23.54 -26.23
N GLU D 132 23.44 22.37 -25.93
CA GLU D 132 24.67 21.93 -26.56
C GLU D 132 24.51 21.99 -28.06
N GLN D 133 23.32 21.59 -28.52
CA GLN D 133 22.97 21.65 -29.93
C GLN D 133 23.02 23.09 -30.45
N ALA D 134 22.46 24.02 -29.68
CA ALA D 134 22.47 25.44 -30.05
C ALA D 134 23.87 26.05 -30.02
N LEU D 135 24.80 25.35 -29.37
CA LEU D 135 26.16 25.87 -29.18
C LEU D 135 27.11 25.02 -30.02
N ILE D 136 26.56 24.43 -31.07
CA ILE D 136 27.20 23.33 -31.79
C ILE D 136 28.54 23.69 -32.44
N ASP D 137 28.67 24.92 -32.91
CA ASP D 137 29.84 25.32 -33.69
C ASP D 137 30.86 26.16 -32.90
N LYS D 138 30.40 26.81 -31.84
CA LYS D 138 31.28 27.62 -31.03
C LYS D 138 32.08 26.73 -30.09
N PRO D 139 33.29 27.18 -29.70
CA PRO D 139 34.27 26.33 -28.99
C PRO D 139 33.77 25.77 -27.65
N GLN D 140 34.21 24.56 -27.35
CA GLN D 140 33.92 23.85 -26.10
C GLN D 140 34.12 24.72 -24.85
N ARG D 141 33.04 24.95 -24.10
CA ARG D 141 33.13 25.70 -22.85
C ARG D 141 33.45 24.72 -21.73
N LYS D 142 34.01 25.24 -20.62
CA LYS D 142 34.31 24.41 -19.44
C LYS D 142 33.07 24.17 -18.56
N VAL D 144 31.87 22.92 -15.47
CA VAL D 144 32.54 22.61 -14.23
C VAL D 144 31.65 21.86 -13.24
N LEU D 145 30.39 22.21 -13.20
CA LEU D 145 29.48 21.57 -12.27
C LEU D 145 28.18 21.35 -12.98
N ARG D 146 27.60 20.19 -12.77
CA ARG D 146 26.26 19.92 -13.25
C ARG D 146 25.46 19.37 -12.06
N ALA D 147 24.46 20.11 -11.60
CA ALA D 147 23.70 19.67 -10.44
C ALA D 147 22.24 20.03 -10.63
N TYR D 148 21.38 19.64 -9.68
CA TYR D 148 19.96 19.94 -9.73
C TYR D 148 19.51 20.83 -8.57
N HIS D 149 20.49 21.38 -7.86
CA HIS D 149 20.24 22.21 -6.70
C HIS D 149 21.25 23.33 -6.77
N LEU D 150 20.80 24.56 -6.99
CA LEU D 150 21.77 25.64 -7.12
C LEU D 150 22.41 25.96 -5.77
N GLU D 151 21.91 25.31 -4.71
CA GLU D 151 22.56 25.40 -3.41
C GLU D 151 24.02 25.05 -3.68
N ALA D 152 24.20 24.04 -4.54
CA ALA D 152 25.52 23.50 -4.89
C ALA D 152 26.35 24.43 -5.77
N ALA D 153 25.71 25.13 -6.70
CA ALA D 153 26.45 26.11 -7.49
C ALA D 153 26.83 27.34 -6.63
N LEU D 154 25.91 27.73 -5.76
CA LEU D 154 26.13 28.85 -4.86
C LEU D 154 27.38 28.56 -4.11
N ALA D 155 27.49 27.34 -3.63
CA ALA D 155 28.64 26.92 -2.84
C ALA D 155 29.99 27.29 -3.48
N ILE D 156 30.05 27.43 -4.80
CA ILE D 156 31.30 27.81 -5.45
C ILE D 156 31.37 29.19 -6.07
N VAL D 157 30.32 29.98 -5.96
CA VAL D 157 30.42 31.31 -6.54
C VAL D 157 31.60 32.07 -5.92
N ASP D 158 32.03 31.63 -4.74
CA ASP D 158 33.22 32.18 -4.13
C ASP D 158 34.47 31.34 -4.42
N THR D 159 34.66 30.96 -5.67
CA THR D 159 35.81 30.13 -6.02
C THR D 159 36.13 30.28 -7.48
N LEU D 160 35.20 29.82 -8.31
CA LEU D 160 35.32 30.02 -9.74
C LEU D 160 34.40 31.16 -10.14
N PRO D 161 34.73 31.86 -11.23
CA PRO D 161 33.78 32.82 -11.81
C PRO D 161 32.76 32.06 -12.64
N ILE D 162 32.04 31.12 -12.02
CA ILE D 162 31.09 30.31 -12.77
C ILE D 162 29.89 31.11 -13.20
N ILE D 163 29.44 30.84 -14.43
CA ILE D 163 28.18 31.33 -14.95
C ILE D 163 27.18 30.22 -14.71
N ILE D 164 26.08 30.54 -14.03
CA ILE D 164 25.09 29.51 -13.73
C ILE D 164 23.90 29.58 -14.70
N THR D 165 23.82 28.59 -15.58
CA THR D 165 22.71 28.47 -16.51
C THR D 165 21.55 27.71 -15.86
N VAL D 166 20.39 28.35 -15.76
CA VAL D 166 19.23 27.69 -15.17
C VAL D 166 18.02 27.90 -16.07
N PRO D 167 16.94 27.12 -15.85
CA PRO D 167 15.72 27.47 -16.59
C PRO D 167 15.30 28.86 -16.15
N ALA D 168 14.67 29.62 -17.03
CA ALA D 168 14.46 31.04 -16.75
C ALA D 168 13.69 31.25 -15.44
N ASP D 169 12.68 30.42 -15.21
CA ASP D 169 11.77 30.62 -14.10
C ASP D 169 12.44 30.51 -12.73
N LEU D 170 13.43 29.63 -12.62
CA LEU D 170 14.19 29.46 -11.38
C LEU D 170 15.07 30.68 -11.10
N ALA D 171 15.56 31.33 -12.16
CA ALA D 171 16.34 32.54 -12.01
C ALA D 171 15.50 33.63 -11.35
N TYR D 172 14.23 33.70 -11.73
CA TYR D 172 13.37 34.75 -11.21
C TYR D 172 12.88 34.43 -9.80
N LEU D 173 12.62 33.15 -9.54
CA LEU D 173 12.21 32.71 -8.21
C LEU D 173 13.35 32.85 -7.18
N VAL D 174 14.59 32.72 -7.65
CA VAL D 174 15.71 32.57 -6.74
C VAL D 174 16.69 33.74 -6.69
N ALA D 175 17.22 34.14 -7.85
CA ALA D 175 18.28 35.13 -7.91
C ALA D 175 18.07 36.28 -6.93
N GLU D 176 16.83 36.74 -6.89
CA GLU D 176 16.46 37.93 -6.16
C GLU D 176 16.43 37.69 -4.64
N ARG D 177 17.18 36.69 -4.19
CA ARG D 177 17.16 36.32 -2.78
C ARG D 177 18.47 35.68 -2.32
N TYR D 178 19.19 35.06 -3.25
CA TYR D 178 20.53 34.59 -2.92
C TYR D 178 21.50 35.69 -3.32
N ASP D 179 20.93 36.84 -3.66
CA ASP D 179 21.73 38.02 -3.98
C ASP D 179 22.67 37.76 -5.16
N LEU D 180 22.13 37.22 -6.24
CA LEU D 180 22.90 37.09 -7.47
C LEU D 180 22.12 37.65 -8.66
N VAL D 181 22.80 37.95 -9.77
CA VAL D 181 22.16 38.63 -10.89
C VAL D 181 21.85 37.74 -12.08
N VAL D 182 20.88 38.21 -12.85
CA VAL D 182 20.34 37.49 -13.99
C VAL D 182 20.78 38.12 -15.31
N LYS D 183 21.47 37.36 -16.14
CA LYS D 183 21.84 37.80 -17.48
C LYS D 183 21.13 36.93 -18.53
N PRO D 184 20.68 37.55 -19.63
CA PRO D 184 20.13 36.78 -20.77
C PRO D 184 21.17 35.84 -21.37
N LEU D 185 20.70 34.72 -21.91
CA LEU D 185 21.55 33.88 -22.75
C LEU D 185 22.16 34.73 -23.87
N PRO D 186 23.46 34.55 -24.15
CA PRO D 186 24.18 35.31 -25.18
C PRO D 186 23.95 34.77 -26.59
N PHE D 187 23.10 33.76 -26.72
CA PHE D 187 22.89 33.12 -28.01
C PHE D 187 21.45 32.68 -28.25
N GLN D 188 21.21 32.22 -29.47
CA GLN D 188 19.90 31.82 -29.92
C GLN D 188 19.38 30.61 -29.16
N PHE D 189 18.52 30.82 -28.18
CA PHE D 189 17.85 29.66 -27.58
C PHE D 189 16.34 29.66 -27.74
N THR D 190 15.85 28.60 -28.38
CA THR D 190 14.43 28.38 -28.54
C THR D 190 13.89 27.77 -27.25
N PRO D 191 13.06 28.52 -26.53
CA PRO D 191 12.44 27.91 -25.34
C PRO D 191 11.81 26.54 -25.65
N PHE D 192 12.03 25.59 -24.74
CA PHE D 192 11.48 24.25 -24.86
C PHE D 192 10.12 24.19 -24.21
N ASP D 193 9.43 23.05 -24.36
CA ASP D 193 8.05 22.91 -23.89
C ASP D 193 7.99 22.05 -22.64
N TYR D 194 7.26 22.50 -21.63
CA TYR D 194 7.08 21.68 -20.45
C TYR D 194 5.69 21.08 -20.46
N SER D 195 5.58 19.82 -20.06
CA SER D 195 4.30 19.10 -20.16
C SER D 195 3.77 18.53 -18.84
N ILE D 197 1.84 14.79 -17.94
CA ILE D 197 1.55 13.49 -18.51
C ILE D 197 0.64 12.80 -17.51
N TRP D 198 -0.25 11.94 -18.02
CA TRP D 198 -1.08 11.15 -17.14
C TRP D 198 -1.61 9.90 -17.84
N HIS D 199 -1.97 8.89 -17.06
CA HIS D 199 -2.54 7.69 -17.64
C HIS D 199 -3.95 8.02 -18.05
N ALA D 200 -4.36 7.48 -19.19
CA ALA D 200 -5.69 7.72 -19.72
C ALA D 200 -6.74 7.28 -18.71
N ARG D 201 -6.37 6.38 -17.81
CA ARG D 201 -7.33 5.94 -16.79
C ARG D 201 -7.70 7.07 -15.83
N CYS D 202 -6.80 8.06 -15.69
CA CYS D 202 -7.06 9.22 -14.83
C CYS D 202 -7.72 10.31 -15.64
N GLU D 203 -8.10 9.98 -16.87
CA GLU D 203 -8.62 10.96 -17.82
C GLU D 203 -9.98 11.54 -17.46
N HIS D 204 -10.84 10.77 -16.81
CA HIS D 204 -12.15 11.29 -16.43
C HIS D 204 -12.41 11.26 -14.93
N SER D 205 -11.35 11.14 -14.14
CA SER D 205 -11.48 11.20 -12.71
C SER D 205 -11.74 12.64 -12.31
N PRO D 206 -12.88 12.90 -11.67
CA PRO D 206 -13.25 14.25 -11.22
C PRO D 206 -12.11 14.96 -10.51
N ALA D 207 -11.48 14.28 -9.55
CA ALA D 207 -10.39 14.88 -8.76
C ALA D 207 -9.14 15.18 -9.60
N GLN D 208 -8.82 14.25 -10.52
CA GLN D 208 -7.69 14.41 -11.43
C GLN D 208 -7.92 15.51 -12.48
N GLU D 209 -9.14 15.65 -12.97
CA GLU D 209 -9.44 16.80 -13.82
C GLU D 209 -9.25 18.09 -13.02
N TRP D 210 -9.58 18.05 -11.73
CA TRP D 210 -9.45 19.25 -10.92
C TRP D 210 -7.99 19.63 -10.75
N LEU D 211 -7.18 18.63 -10.39
CA LEU D 211 -5.75 18.83 -10.19
C LEU D 211 -5.16 19.44 -11.44
N ARG D 212 -5.34 18.75 -12.55
CA ARG D 212 -4.74 19.18 -13.79
C ARG D 212 -5.20 20.60 -14.13
N SER D 213 -6.47 20.91 -13.85
CA SER D 213 -6.97 22.25 -14.14
C SER D 213 -6.19 23.32 -13.37
N VAL D 214 -6.10 23.15 -12.05
CA VAL D 214 -5.42 24.12 -11.21
C VAL D 214 -3.95 24.23 -11.59
N VAL D 215 -3.31 23.08 -11.85
CA VAL D 215 -1.91 23.06 -12.29
C VAL D 215 -1.77 23.75 -13.64
N ARG D 216 -2.81 23.65 -14.46
CA ARG D 216 -2.83 24.29 -15.77
C ARG D 216 -3.01 25.79 -15.66
N GLU D 217 -4.02 26.23 -14.90
CA GLU D 217 -4.26 27.65 -14.71
C GLU D 217 -3.09 28.35 -14.02
N GLU D 218 -2.53 27.69 -13.00
CA GLU D 218 -1.41 28.26 -12.25
C GLU D 218 -0.18 28.47 -13.12
N CYS D 219 0.13 27.47 -13.95
CA CYS D 219 1.24 27.58 -14.90
C CYS D 219 1.03 28.77 -15.81
N SER D 220 -0.23 29.11 -16.03
CA SER D 220 -0.55 30.29 -16.79
C SER D 220 -0.06 31.49 -16.00
N ARG D 221 -0.68 31.73 -14.86
CA ARG D 221 -0.27 32.82 -13.98
C ARG D 221 1.25 32.91 -13.95
N LEU D 222 1.91 31.77 -13.88
CA LEU D 222 3.37 31.75 -13.87
C LEU D 222 3.90 32.30 -15.20
N ILE D 223 3.55 31.65 -16.30
CA ILE D 223 4.03 32.08 -17.63
C ILE D 223 3.71 33.55 -17.90
N ALA D 224 2.53 33.98 -17.47
CA ALA D 224 2.05 35.32 -17.77
C ALA D 224 2.91 36.36 -17.09
N LYS D 225 3.60 35.95 -16.03
CA LYS D 225 4.28 36.89 -15.15
C LYS D 225 5.80 36.68 -15.17
#